data_3Q4B
#
_entry.id   3Q4B
#
_cell.length_a   54.430
_cell.length_b   98.058
_cell.length_c   148.844
_cell.angle_alpha   90.00
_cell.angle_beta   90.00
_cell.angle_gamma   90.00
#
_symmetry.space_group_name_H-M   'P 21 21 21'
#
loop_
_entity.id
_entity.type
_entity.pdbx_description
1 polymer Renin
2 non-polymer 2-acetamido-2-deoxy-beta-D-glucopyranose
3 non-polymer 'CHLORIDE ION'
4 non-polymer 'methyl (2-{(R)-(3-chlorophenyl)[(3R)-1-({(2S)-2-(methylamino)-3-[(3R)-tetrahydro-2H-pyran-3-yl]propyl}carbamoyl)piperidin-3-yl] methoxy}ethyl)carbamate'
5 water water
#
_entity_poly.entity_id   1
_entity_poly.type   'polypeptide(L)'
_entity_poly.pdbx_seq_one_letter_code
;LTLGNTTSSVILTNYMDTQYYGEIGIGTPPQTFKVVFDTGSSNVWVPSSKCSRLYTACVYHKLFDASDSSSYKHNGTELT
LRYSTGTVSGFLSQDIITVGGITVTQMFGEVTEMPALPFMLAEFDGVVGMGFIEQAIGRVTPIFDNIISQGVLKEDVFSF
YYNRDSENSQSLGGQIVLGGSDPQHYEGNFHYINLIKTGVWQIQMKGVSVGSSTLLCEDGCLALVDTGASYISGSTSSIE
KLMEALGAKKRLFDYVVKCNEGPTLPDISFHLGGKEYTLTSADYVFQESYSSKKLCTLAIHAMDIPPPTGPTWALGATFI
RKFYTEFDRRNNRIGFALAR
;
_entity_poly.pdbx_strand_id   A,B
#
loop_
_chem_comp.id
_chem_comp.type
_chem_comp.name
_chem_comp.formula
CL non-polymer 'CHLORIDE ION' 'Cl -1'
NAG D-saccharide, beta linking 2-acetamido-2-deoxy-beta-D-glucopyranose 'C8 H15 N O6'
RX5 non-polymer 'methyl (2-{(R)-(3-chlorophenyl)[(3R)-1-({(2S)-2-(methylamino)-3-[(3R)-tetrahydro-2H-pyran-3-yl]propyl}carbamoyl)piperidin-3-yl] methoxy}ethyl)carbamate' 'C26 H41 Cl N4 O5'
#
# COMPACT_ATOMS: atom_id res chain seq x y z
N GLY A 4 7.46 3.03 44.81
CA GLY A 4 6.26 2.98 43.92
C GLY A 4 5.77 1.56 43.69
N ASN A 5 4.46 1.35 43.73
CA ASN A 5 3.89 0.03 43.43
C ASN A 5 2.66 0.05 42.52
N THR A 6 2.57 1.09 41.69
CA THR A 6 1.49 1.23 40.71
C THR A 6 1.80 0.45 39.42
N THR A 7 0.80 -0.27 38.90
CA THR A 7 0.84 -0.86 37.57
C THR A 7 -0.50 -0.56 36.86
N SER A 8 -0.47 0.22 35.78
CA SER A 8 -1.67 0.50 35.02
C SER A 8 -1.86 -0.34 33.75
N SER A 9 -3.12 -0.45 33.33
CA SER A 9 -3.61 -1.24 32.20
C SER A 9 -4.31 -0.36 31.18
N VAL A 10 -4.11 -0.67 29.91
CA VAL A 10 -4.86 -0.01 28.86
C VAL A 10 -5.45 -1.09 27.97
N ILE A 11 -6.76 -1.09 27.87
CA ILE A 11 -7.47 -1.95 26.97
C ILE A 11 -7.08 -1.58 25.54
N LEU A 12 -6.97 -2.59 24.70
CA LEU A 12 -6.70 -2.32 23.29
C LEU A 12 -7.80 -2.88 22.44
N THR A 13 -8.15 -2.15 21.39
CA THR A 13 -8.99 -2.66 20.35
C THR A 13 -8.16 -3.45 19.36
N ASN A 14 -8.72 -4.57 18.93
CA ASN A 14 -8.10 -5.41 17.89
C ASN A 14 -8.89 -5.23 16.65
N TYR A 15 -8.33 -4.61 15.64
CA TYR A 15 -8.98 -4.52 14.35
C TYR A 15 -8.35 -5.51 13.36
N MET A 16 -9.13 -6.57 13.06
CA MET A 16 -8.79 -7.63 12.11
C MET A 16 -7.45 -8.26 12.34
N ASP A 17 -6.97 -8.32 13.57
CA ASP A 17 -5.68 -8.97 13.84
C ASP A 17 -4.45 -8.26 13.16
N THR A 18 -4.66 -7.06 12.67
CA THR A 18 -3.60 -6.26 12.04
C THR A 18 -3.38 -4.91 12.66
N GLN A 19 -4.38 -4.37 13.38
CA GLN A 19 -4.15 -3.12 14.08
C GLN A 19 -4.64 -3.21 15.49
N TYR A 20 -3.76 -2.95 16.46
CA TYR A 20 -4.10 -2.94 17.87
C TYR A 20 -3.72 -1.58 18.44
N TYR A 21 -4.62 -1.00 19.20
CA TYR A 21 -4.48 0.40 19.57
C TYR A 21 -5.34 0.68 20.77
N GLY A 22 -4.99 1.69 21.54
CA GLY A 22 -5.72 2.01 22.78
C GLY A 22 -5.82 3.52 22.89
N GLU A 23 -6.42 3.98 23.97
CA GLU A 23 -6.63 5.43 24.13
C GLU A 23 -5.54 6.08 24.99
N ILE A 24 -5.14 7.29 24.61
CA ILE A 24 -4.48 8.20 25.56
C ILE A 24 -5.26 9.55 25.62
N GLY A 25 -5.04 10.33 26.66
CA GLY A 25 -5.61 11.68 26.70
C GLY A 25 -4.49 12.71 26.72
N ILE A 26 -4.61 13.75 25.90
CA ILE A 26 -3.59 14.80 25.90
C ILE A 26 -4.26 16.12 26.23
N GLY A 27 -3.63 16.87 27.11
CA GLY A 27 -4.11 18.19 27.49
C GLY A 27 -4.99 18.21 28.71
N THR A 28 -5.48 19.42 29.05
CA THR A 28 -6.41 19.67 30.16
C THR A 28 -7.48 20.64 29.66
N PRO A 29 -8.73 20.18 29.49
CA PRO A 29 -9.25 18.81 29.69
C PRO A 29 -8.73 17.81 28.62
N PRO A 30 -8.68 16.50 28.93
CA PRO A 30 -8.02 15.51 28.02
C PRO A 30 -8.66 15.43 26.63
N GLN A 31 -7.86 15.52 25.57
CA GLN A 31 -8.32 15.17 24.21
C GLN A 31 -7.83 13.75 23.93
N THR A 32 -8.78 12.92 23.51
CA THR A 32 -8.69 11.47 23.36
C THR A 32 -8.03 11.09 22.05
N PHE A 33 -7.12 10.14 22.05
CA PHE A 33 -6.58 9.65 20.76
C PHE A 33 -6.45 8.16 20.76
N LYS A 34 -6.68 7.57 19.59
CA LYS A 34 -6.42 6.15 19.43
C LYS A 34 -4.97 6.02 19.00
N VAL A 35 -4.16 5.34 19.81
CA VAL A 35 -2.76 5.19 19.45
C VAL A 35 -2.23 3.77 19.44
N VAL A 36 -1.29 3.52 18.54
CA VAL A 36 -0.56 2.25 18.57
C VAL A 36 0.64 2.39 19.48
N PHE A 37 0.78 1.47 20.44
CA PHE A 37 1.95 1.34 21.28
C PHE A 37 3.05 0.49 20.60
N ASP A 38 4.11 1.17 20.14
CA ASP A 38 5.05 0.64 19.16
C ASP A 38 6.41 0.45 19.78
N THR A 39 6.82 -0.80 20.03
CA THR A 39 8.19 -0.98 20.54
C THR A 39 9.29 -0.77 19.51
N GLY A 40 8.93 -0.69 18.22
CA GLY A 40 9.94 -0.46 17.16
C GLY A 40 10.14 0.99 16.89
N SER A 41 9.55 1.87 17.71
CA SER A 41 9.83 3.29 17.54
C SER A 41 9.77 3.98 18.90
N SER A 42 10.15 5.25 18.94
CA SER A 42 10.37 5.89 20.25
C SER A 42 9.81 7.29 20.37
N ASN A 43 9.11 7.80 19.34
CA ASN A 43 8.50 9.12 19.43
C ASN A 43 6.99 8.95 19.61
N VAL A 44 6.38 9.87 20.37
CA VAL A 44 4.94 10.05 20.45
C VAL A 44 4.46 11.08 19.43
N TRP A 45 3.38 10.76 18.71
CA TRP A 45 2.73 11.78 17.81
C TRP A 45 1.23 11.55 17.62
N VAL A 46 0.49 12.63 17.42
CA VAL A 46 -0.87 12.56 17.03
C VAL A 46 -1.09 13.68 16.00
N PRO A 47 -2.18 13.61 15.21
CA PRO A 47 -2.46 14.68 14.27
C PRO A 47 -2.83 16.04 14.92
N SER A 48 -2.37 17.10 14.30
CA SER A 48 -2.58 18.47 14.78
C SER A 48 -3.81 19.14 14.21
N SER A 49 -4.45 20.01 15.00
CA SER A 49 -5.50 20.88 14.46
C SER A 49 -5.00 21.76 13.31
N LYS A 50 -3.68 21.98 13.23
CA LYS A 50 -3.12 22.83 12.21
C LYS A 50 -2.85 22.04 10.93
N CYS A 51 -3.17 20.73 10.95
CA CYS A 51 -3.08 19.94 9.75
C CYS A 51 -4.21 20.40 8.79
N SER A 52 -3.81 20.88 7.64
CA SER A 52 -4.64 21.24 6.51
C SER A 52 -5.52 20.14 6.05
N ARG A 53 -6.70 20.55 5.58
CA ARG A 53 -7.65 19.62 4.99
C ARG A 53 -7.04 18.90 3.79
N LEU A 54 -6.12 19.56 3.09
CA LEU A 54 -5.49 18.91 1.92
C LEU A 54 -5.02 17.47 2.24
N TYR A 55 -4.80 17.20 3.53
CA TYR A 55 -4.40 15.88 4.01
C TYR A 55 -5.69 15.22 4.40
N THR A 56 -6.23 14.48 3.43
CA THR A 56 -7.39 13.65 3.63
C THR A 56 -7.23 12.80 4.90
N ALA A 57 -5.99 12.42 5.24
CA ALA A 57 -5.79 11.62 6.47
C ALA A 57 -6.06 12.45 7.73
N CYS A 58 -5.81 13.73 7.65
CA CYS A 58 -6.16 14.61 8.75
C CYS A 58 -7.66 14.84 8.89
N VAL A 59 -8.36 14.84 7.76
CA VAL A 59 -9.83 14.91 7.78
C VAL A 59 -10.43 13.71 8.53
N TYR A 60 -9.79 12.55 8.38
CA TYR A 60 -10.40 11.30 8.83
C TYR A 60 -9.89 10.83 10.17
N HIS A 61 -9.07 11.66 10.85
CA HIS A 61 -8.63 11.33 12.21
C HIS A 61 -8.88 12.47 13.21
N LYS A 62 -8.81 12.13 14.49
CA LYS A 62 -8.90 13.08 15.60
C LYS A 62 -7.69 14.02 15.60
N LEU A 63 -7.94 15.31 15.82
CA LEU A 63 -6.87 16.30 15.73
C LEU A 63 -6.66 16.90 17.12
N PHE A 64 -5.40 17.14 17.48
CA PHE A 64 -5.09 17.80 18.74
C PHE A 64 -5.14 19.34 18.57
N ASP A 65 -5.94 19.98 19.43
CA ASP A 65 -6.06 21.47 19.41
C ASP A 65 -5.35 22.05 20.62
N ALA A 66 -4.20 22.65 20.34
CA ALA A 66 -3.35 23.27 21.34
C ALA A 66 -4.16 24.34 22.11
N SER A 67 -4.86 25.20 21.36
CA SER A 67 -5.69 26.24 21.96
C SER A 67 -6.57 25.76 23.09
N ASP A 68 -7.01 24.50 23.09
CA ASP A 68 -8.09 24.11 24.02
C ASP A 68 -7.50 23.53 25.30
N SER A 69 -6.18 23.57 25.40
CA SER A 69 -5.55 22.95 26.55
C SER A 69 -4.79 23.98 27.35
N SER A 70 -5.02 23.98 28.66
CA SER A 70 -4.40 24.94 29.58
C SER A 70 -3.00 24.52 29.99
N SER A 71 -2.75 23.22 30.01
CA SER A 71 -1.43 22.68 30.36
C SER A 71 -0.44 22.73 29.20
N TYR A 72 -0.91 23.04 28.00
CA TYR A 72 -0.06 22.97 26.83
C TYR A 72 1.04 23.98 26.91
N LYS A 73 2.28 23.55 26.60
CA LYS A 73 3.39 24.50 26.44
C LYS A 73 4.01 24.45 25.06
N HIS A 74 4.06 25.62 24.40
CA HIS A 74 4.65 25.74 23.05
C HIS A 74 6.12 25.25 22.97
N ASN A 75 6.49 24.64 21.85
CA ASN A 75 7.88 24.46 21.49
C ASN A 75 8.11 24.81 20.00
N GLY A 76 7.42 24.12 19.10
CA GLY A 76 7.43 24.50 17.69
C GLY A 76 8.59 23.96 16.86
N THR A 77 9.52 23.24 17.50
CA THR A 77 10.67 22.67 16.73
C THR A 77 10.17 21.67 15.67
N GLU A 78 10.70 21.78 14.45
CA GLU A 78 10.38 20.87 13.33
C GLU A 78 10.56 19.39 13.72
N LEU A 79 9.66 18.49 13.35
CA LEU A 79 9.90 17.04 13.52
C LEU A 79 9.48 16.28 12.25
N THR A 80 10.34 15.37 11.81
CA THR A 80 10.06 14.45 10.71
C THR A 80 10.39 13.01 11.17
N LEU A 81 9.38 12.15 11.08
CA LEU A 81 9.43 10.75 11.45
C LEU A 81 9.16 9.91 10.21
N ARG A 82 10.11 9.02 9.90
CA ARG A 82 10.04 8.08 8.74
C ARG A 82 9.82 6.65 9.21
N TYR A 83 8.74 6.06 8.77
CA TYR A 83 8.58 4.67 9.06
C TYR A 83 8.66 3.87 7.76
N SER A 84 8.52 2.56 7.87
CA SER A 84 8.30 1.67 6.75
C SER A 84 7.08 2.12 5.95
N THR A 85 6.03 2.56 6.64
CA THR A 85 4.76 2.98 6.00
C THR A 85 4.78 4.35 5.29
N GLY A 86 5.69 5.23 5.65
CA GLY A 86 5.69 6.53 5.07
C GLY A 86 6.24 7.54 6.02
N THR A 87 6.13 8.81 5.64
CA THR A 87 6.70 9.88 6.46
C THR A 87 5.66 10.79 7.02
N VAL A 88 5.80 11.20 8.30
CA VAL A 88 4.97 12.24 8.84
C VAL A 88 5.86 13.35 9.35
N SER A 89 5.33 14.57 9.37
CA SER A 89 6.04 15.77 9.79
C SER A 89 5.10 16.68 10.53
N GLY A 90 5.68 17.48 11.41
CA GLY A 90 4.97 18.53 12.12
C GLY A 90 5.99 19.19 13.03
N PHE A 91 5.61 19.43 14.27
CA PHE A 91 6.46 20.17 15.18
C PHE A 91 6.20 19.68 16.62
N LEU A 92 7.11 19.99 17.54
CA LEU A 92 7.01 19.56 18.95
C LEU A 92 6.13 20.42 19.79
N SER A 93 5.38 19.80 20.68
CA SER A 93 4.55 20.49 21.66
C SER A 93 4.76 19.73 22.94
N GLN A 94 4.51 20.38 24.08
CA GLN A 94 4.55 19.68 25.34
C GLN A 94 3.19 19.74 26.00
N ASP A 95 2.78 18.65 26.62
CA ASP A 95 1.57 18.67 27.38
C ASP A 95 1.55 17.42 28.27
N ILE A 96 0.48 17.32 29.03
CA ILE A 96 0.25 16.25 29.98
C ILE A 96 -0.45 15.13 29.22
N ILE A 97 0.06 13.91 29.32
CA ILE A 97 -0.54 12.78 28.63
C ILE A 97 -0.94 11.79 29.67
N THR A 98 -2.16 11.27 29.60
CA THR A 98 -2.51 10.17 30.49
C THR A 98 -2.56 8.86 29.74
N VAL A 99 -1.95 7.87 30.33
CA VAL A 99 -2.05 6.51 29.88
C VAL A 99 -2.31 5.60 31.07
N GLY A 100 -3.48 5.03 31.14
CA GLY A 100 -3.79 4.26 32.31
C GLY A 100 -4.08 5.20 33.45
N GLY A 101 -3.56 4.90 34.62
CA GLY A 101 -3.76 5.78 35.75
C GLY A 101 -2.65 6.77 35.82
N ILE A 102 -1.76 6.68 34.87
CA ILE A 102 -0.57 7.44 34.88
C ILE A 102 -0.64 8.69 34.06
N THR A 103 -0.20 9.77 34.65
CA THR A 103 -0.13 11.09 34.05
C THR A 103 1.34 11.51 33.94
N VAL A 104 1.79 11.88 32.77
CA VAL A 104 3.13 12.43 32.59
C VAL A 104 3.14 13.61 31.70
N THR A 105 4.11 14.46 31.91
CA THR A 105 4.37 15.57 31.05
C THR A 105 5.29 15.09 29.97
N GLN A 106 4.93 15.36 28.72
CA GLN A 106 5.59 14.73 27.60
C GLN A 106 5.75 15.61 26.40
N MET A 107 6.86 15.47 25.74
CA MET A 107 7.05 16.14 24.48
C MET A 107 6.64 15.16 23.38
N PHE A 108 5.77 15.61 22.49
CA PHE A 108 5.26 14.78 21.42
C PHE A 108 5.13 15.63 20.17
N GLY A 109 4.95 14.99 19.02
CA GLY A 109 4.85 15.68 17.71
C GLY A 109 3.38 15.97 17.35
N GLU A 110 3.11 17.21 17.00
CA GLU A 110 1.84 17.55 16.44
C GLU A 110 2.00 17.44 14.92
N VAL A 111 1.32 16.46 14.34
CA VAL A 111 1.55 16.18 12.95
C VAL A 111 0.69 17.05 11.99
N THR A 112 1.36 17.65 11.02
CA THR A 112 0.69 18.50 10.06
C THR A 112 0.86 18.03 8.61
N GLU A 113 1.63 16.98 8.36
CA GLU A 113 1.64 16.39 7.01
C GLU A 113 1.54 14.91 7.23
N MET A 114 0.59 14.26 6.57
CA MET A 114 0.21 12.89 6.91
C MET A 114 -0.23 12.26 5.61
N PRO A 115 0.56 11.35 5.06
CA PRO A 115 0.20 10.97 3.69
C PRO A 115 -0.96 9.94 3.68
N ALA A 116 -1.82 10.10 2.69
CA ALA A 116 -2.96 9.20 2.46
C ALA A 116 -2.49 7.72 2.43
N LEU A 117 -1.41 7.44 1.71
CA LEU A 117 -0.82 6.12 1.76
C LEU A 117 0.18 6.16 2.90
N PRO A 118 -0.01 5.37 3.97
CA PRO A 118 -1.12 4.50 4.14
C PRO A 118 -2.08 4.95 5.26
N PHE A 119 -1.97 6.20 5.73
CA PHE A 119 -2.79 6.66 6.88
C PHE A 119 -4.27 6.69 6.64
N MET A 120 -4.69 6.66 5.37
CA MET A 120 -6.13 6.53 5.10
C MET A 120 -6.67 5.19 5.58
N LEU A 121 -5.75 4.25 5.86
CA LEU A 121 -6.13 2.88 6.24
C LEU A 121 -5.88 2.67 7.72
N ALA A 122 -5.29 3.67 8.40
CA ALA A 122 -5.09 3.49 9.84
C ALA A 122 -6.41 3.70 10.53
N GLU A 123 -6.77 2.72 11.36
CA GLU A 123 -7.89 2.92 12.29
C GLU A 123 -7.53 3.75 13.52
N PHE A 124 -6.24 3.94 13.75
CA PHE A 124 -5.72 4.71 14.87
C PHE A 124 -5.41 6.17 14.46
N ASP A 125 -5.26 7.06 15.45
CA ASP A 125 -4.87 8.43 15.13
C ASP A 125 -3.33 8.63 15.12
N GLY A 126 -2.63 8.10 16.14
CA GLY A 126 -1.17 8.29 16.23
C GLY A 126 -0.41 7.11 16.83
N VAL A 127 0.82 7.37 17.27
CA VAL A 127 1.74 6.33 17.73
C VAL A 127 2.36 6.77 19.02
N VAL A 128 2.49 5.84 19.95
CA VAL A 128 3.22 6.09 21.16
C VAL A 128 4.36 5.11 21.11
N GLY A 129 5.55 5.59 20.75
CA GLY A 129 6.76 4.77 20.74
C GLY A 129 7.22 4.33 22.10
N MET A 130 7.45 3.02 22.25
CA MET A 130 7.92 2.43 23.51
C MET A 130 9.40 2.01 23.42
N GLY A 131 10.07 2.48 22.38
CA GLY A 131 11.49 2.20 22.22
C GLY A 131 12.35 3.10 23.08
N PHE A 132 13.65 2.99 22.89
CA PHE A 132 14.61 3.74 23.67
C PHE A 132 14.92 5.10 23.06
N ILE A 133 15.41 6.01 23.91
CA ILE A 133 15.80 7.34 23.47
C ILE A 133 16.86 7.27 22.36
N GLU A 134 17.66 6.21 22.33
CA GLU A 134 18.70 6.05 21.31
C GLU A 134 18.09 6.06 19.90
N GLN A 135 16.81 5.69 19.77
CA GLN A 135 16.11 5.70 18.49
C GLN A 135 15.10 6.84 18.29
N ALA A 136 14.95 7.71 19.29
CA ALA A 136 13.96 8.77 19.25
C ALA A 136 14.47 9.88 18.39
N ILE A 137 13.72 10.31 17.41
CA ILE A 137 14.10 11.44 16.59
C ILE A 137 14.11 12.71 17.40
N GLY A 138 15.10 13.54 17.16
CA GLY A 138 15.29 14.74 17.93
C GLY A 138 15.74 14.50 19.35
N ARG A 139 16.18 13.30 19.59
CA ARG A 139 16.42 12.83 20.90
C ARG A 139 15.41 13.30 21.92
N VAL A 140 14.13 13.20 21.62
CA VAL A 140 13.09 13.57 22.57
C VAL A 140 12.94 12.47 23.57
N THR A 141 12.89 12.78 24.86
CA THR A 141 12.68 11.79 25.93
C THR A 141 11.38 11.02 25.77
N PRO A 142 11.49 9.71 25.53
CA PRO A 142 10.34 8.84 25.30
C PRO A 142 9.43 8.77 26.54
N ILE A 143 8.16 8.48 26.30
CA ILE A 143 7.18 8.48 27.35
C ILE A 143 7.48 7.43 28.47
N PHE A 144 7.95 6.25 28.13
CA PHE A 144 8.20 5.28 29.21
C PHE A 144 9.35 5.76 30.06
N ASP A 145 10.34 6.41 29.46
CA ASP A 145 11.40 7.08 30.22
C ASP A 145 10.88 8.19 31.15
N ASN A 146 9.90 8.98 30.69
CA ASN A 146 9.34 9.99 31.59
C ASN A 146 8.52 9.35 32.67
N ILE A 147 7.82 8.27 32.35
CA ILE A 147 7.13 7.46 33.39
C ILE A 147 8.09 6.78 34.38
N ILE A 148 9.23 6.26 33.93
CA ILE A 148 10.21 5.65 34.87
C ILE A 148 10.68 6.69 35.86
N SER A 149 10.81 7.92 35.36
CA SER A 149 11.25 9.01 36.17
C SER A 149 10.33 9.30 37.32
N GLN A 150 9.02 9.21 37.14
CA GLN A 150 8.08 9.53 38.22
C GLN A 150 8.31 8.63 39.45
N GLY A 151 9.00 7.52 39.23
CA GLY A 151 9.13 6.45 40.23
C GLY A 151 7.84 5.87 40.80
N VAL A 152 6.78 5.79 40.00
CA VAL A 152 5.49 5.28 40.48
C VAL A 152 5.28 3.76 40.18
N LEU A 153 6.05 3.25 39.22
CA LEU A 153 5.88 1.90 38.70
C LEU A 153 6.39 0.85 39.66
N LYS A 154 5.60 -0.21 39.84
CA LYS A 154 6.07 -1.36 40.61
C LYS A 154 7.42 -1.97 40.10
N GLU A 155 7.50 -2.31 38.83
CA GLU A 155 8.80 -2.65 38.22
C GLU A 155 8.96 -1.88 36.91
N ASP A 156 10.22 -1.62 36.47
CA ASP A 156 10.49 -0.90 35.20
C ASP A 156 10.35 -1.76 33.98
N VAL A 157 9.13 -2.26 33.79
CA VAL A 157 8.77 -3.16 32.68
C VAL A 157 7.37 -2.84 32.18
N PHE A 158 7.12 -3.08 30.89
CA PHE A 158 5.77 -3.12 30.34
C PHE A 158 5.60 -4.39 29.51
N SER A 159 4.35 -4.77 29.31
CA SER A 159 4.07 -6.04 28.68
C SER A 159 2.79 -5.96 27.83
N PHE A 160 2.70 -6.84 26.83
CA PHE A 160 1.69 -6.85 25.79
C PHE A 160 0.98 -8.22 25.73
N TYR A 161 -0.35 -8.17 25.77
CA TYR A 161 -1.20 -9.25 25.42
C TYR A 161 -1.94 -8.85 24.17
N TYR A 162 -1.84 -9.63 23.10
CA TYR A 162 -2.60 -9.35 21.89
C TYR A 162 -3.52 -10.54 21.62
N ASN A 163 -4.84 -10.32 21.59
CA ASN A 163 -5.80 -11.42 21.37
C ASN A 163 -6.07 -11.68 19.89
N ARG A 164 -6.72 -12.83 19.62
CA ARG A 164 -7.12 -13.21 18.27
C ARG A 164 -8.47 -12.53 18.07
N ASP A 165 -8.71 -12.01 16.88
CA ASP A 165 -9.90 -11.23 16.65
C ASP A 165 -11.10 -12.13 16.78
N SER A 166 -12.09 -11.68 17.51
CA SER A 166 -13.28 -12.48 17.72
C SER A 166 -14.52 -11.72 17.37
N GLU A 167 -15.50 -12.47 16.85
CA GLU A 167 -16.81 -11.94 16.54
C GLU A 167 -17.49 -11.52 17.83
N ASN A 168 -17.40 -12.37 18.86
CA ASN A 168 -17.94 -11.98 20.14
C ASN A 168 -17.73 -10.51 20.37
N SER A 169 -18.83 -9.80 20.64
CA SER A 169 -18.78 -8.39 20.97
C SER A 169 -17.98 -8.08 22.24
N GLN A 170 -17.62 -9.12 22.98
CA GLN A 170 -17.03 -8.99 24.31
C GLN A 170 -15.56 -9.21 24.32
N SER A 171 -15.04 -9.93 23.36
CA SER A 171 -13.62 -10.23 23.38
C SER A 171 -12.75 -9.03 23.69
N LEU A 172 -11.87 -9.18 24.65
CA LEU A 172 -10.84 -8.25 24.93
C LEU A 172 -9.82 -8.27 23.79
N GLY A 173 -9.69 -7.18 23.06
CA GLY A 173 -8.84 -7.14 21.90
C GLY A 173 -7.38 -7.26 22.27
N GLY A 174 -7.02 -6.64 23.37
CA GLY A 174 -5.69 -6.71 23.92
C GLY A 174 -5.44 -5.86 25.14
N GLN A 175 -4.21 -5.92 25.65
CA GLN A 175 -3.88 -5.19 26.87
C GLN A 175 -2.39 -4.93 27.05
N ILE A 176 -2.05 -3.66 27.30
CA ILE A 176 -0.72 -3.25 27.70
C ILE A 176 -0.80 -3.14 29.19
N VAL A 177 0.22 -3.62 29.88
CA VAL A 177 0.44 -3.29 31.27
C VAL A 177 1.73 -2.49 31.43
N LEU A 178 1.64 -1.31 32.05
CA LEU A 178 2.81 -0.54 32.50
C LEU A 178 3.11 -0.90 33.96
N GLY A 179 4.31 -1.38 34.20
CA GLY A 179 4.68 -1.70 35.54
C GLY A 179 4.79 -3.16 35.80
N GLY A 180 4.30 -4.00 34.89
CA GLY A 180 4.24 -5.44 35.15
C GLY A 180 3.55 -6.29 34.09
N SER A 181 3.20 -7.54 34.46
CA SER A 181 2.54 -8.45 33.54
C SER A 181 1.30 -9.02 34.19
N ASP A 182 0.29 -9.36 33.37
CA ASP A 182 -0.98 -9.78 33.89
C ASP A 182 -1.09 -11.30 33.76
N PRO A 183 -0.97 -12.05 34.89
CA PRO A 183 -0.95 -13.55 34.83
C PRO A 183 -2.24 -14.16 34.32
N GLN A 184 -3.25 -13.32 34.15
CA GLN A 184 -4.54 -13.76 33.59
C GLN A 184 -4.40 -14.06 32.10
N HIS A 185 -3.34 -13.53 31.49
CA HIS A 185 -3.22 -13.64 30.04
C HIS A 185 -2.02 -14.45 29.57
N TYR A 186 -1.25 -15.00 30.50
CA TYR A 186 -0.20 -15.89 30.09
C TYR A 186 -0.12 -17.06 31.10
N GLU A 187 0.27 -18.24 30.64
CA GLU A 187 0.52 -19.36 31.54
C GLU A 187 1.99 -19.65 31.81
N GLY A 188 2.24 -20.19 33.00
CA GLY A 188 3.60 -20.64 33.41
C GLY A 188 4.49 -19.47 33.76
N ASN A 189 5.77 -19.63 33.52
CA ASN A 189 6.76 -18.60 33.85
C ASN A 189 7.39 -18.06 32.60
N PHE A 190 7.85 -16.80 32.68
CA PHE A 190 8.57 -16.18 31.60
C PHE A 190 9.91 -16.83 31.35
N HIS A 191 10.24 -16.97 30.06
CA HIS A 191 11.57 -17.29 29.59
C HIS A 191 12.16 -16.00 29.14
N TYR A 192 13.23 -15.54 29.79
CA TYR A 192 13.82 -14.23 29.45
C TYR A 192 14.98 -14.33 28.49
N ILE A 193 15.04 -13.41 27.52
CA ILE A 193 16.21 -13.31 26.63
C ILE A 193 16.81 -11.90 26.70
N ASN A 194 18.16 -11.84 26.76
CA ASN A 194 18.86 -10.58 26.99
C ASN A 194 18.85 -9.76 25.71
N LEU A 195 18.65 -8.44 25.78
CA LEU A 195 18.77 -7.64 24.55
C LEU A 195 20.17 -7.83 24.01
N ILE A 196 20.40 -7.69 22.71
CA ILE A 196 21.78 -7.57 22.21
C ILE A 196 22.45 -6.35 22.81
N LYS A 197 21.72 -5.25 22.90
CA LYS A 197 22.26 -4.03 23.50
C LYS A 197 21.11 -3.11 23.82
N THR A 198 21.29 -2.29 24.85
CA THR A 198 20.30 -1.27 25.22
C THR A 198 20.08 -0.34 23.98
N GLY A 199 18.86 0.17 23.79
CA GLY A 199 18.62 1.06 22.66
C GLY A 199 17.67 0.51 21.62
N VAL A 200 17.52 -0.80 21.60
CA VAL A 200 16.64 -1.43 20.65
C VAL A 200 16.08 -2.71 21.27
N TRP A 201 14.79 -2.93 21.08
CA TRP A 201 14.21 -4.12 21.63
C TRP A 201 14.51 -5.28 20.66
N GLN A 202 15.79 -5.66 20.58
CA GLN A 202 16.24 -6.65 19.59
C GLN A 202 17.10 -7.69 20.28
N ILE A 203 16.74 -8.96 20.04
CA ILE A 203 17.45 -10.09 20.59
C ILE A 203 18.06 -10.94 19.51
N GLN A 204 19.03 -11.76 19.89
CA GLN A 204 19.66 -12.73 18.97
C GLN A 204 18.73 -13.91 18.69
N MET A 205 18.79 -14.42 17.46
CA MET A 205 18.00 -15.54 17.05
C MET A 205 18.88 -16.63 16.41
N LYS A 206 18.72 -17.87 16.87
CA LYS A 206 19.66 -18.93 16.47
C LYS A 206 19.30 -19.67 15.17
N GLY A 207 18.03 -19.58 14.75
CA GLY A 207 17.57 -20.19 13.51
C GLY A 207 16.06 -20.08 13.33
N VAL A 208 15.59 -20.26 12.11
CA VAL A 208 14.18 -20.34 11.84
C VAL A 208 13.95 -21.64 11.10
N SER A 209 13.09 -22.47 11.62
CA SER A 209 12.88 -23.73 10.90
C SER A 209 11.43 -23.84 10.42
N VAL A 210 11.29 -24.39 9.22
CA VAL A 210 10.00 -24.65 8.58
C VAL A 210 9.94 -26.15 8.40
N GLY A 211 9.19 -26.81 9.29
CA GLY A 211 8.97 -28.23 9.19
C GLY A 211 10.03 -28.95 9.98
N SER A 212 10.63 -29.94 9.35
CA SER A 212 11.70 -30.72 9.98
C SER A 212 13.02 -29.95 9.84
N SER A 213 13.39 -29.68 8.59
CA SER A 213 14.62 -28.95 8.24
C SER A 213 14.81 -27.51 8.87
N THR A 214 16.01 -27.21 9.39
CA THR A 214 16.37 -25.83 9.76
C THR A 214 16.71 -25.03 8.49
N LEU A 215 15.67 -24.48 7.88
CA LEU A 215 15.82 -23.86 6.60
C LEU A 215 16.57 -22.52 6.72
N LEU A 216 16.22 -21.69 7.68
CA LEU A 216 16.66 -20.30 7.63
C LEU A 216 17.48 -19.86 8.82
N CYS A 217 18.27 -18.79 8.63
CA CYS A 217 19.01 -18.15 9.71
C CYS A 217 19.86 -19.23 10.42
N GLU A 218 20.47 -20.09 9.61
CA GLU A 218 21.07 -21.32 10.13
C GLU A 218 22.25 -21.02 11.02
N ASP A 219 22.93 -19.94 10.68
CA ASP A 219 24.09 -19.47 11.44
C ASP A 219 23.74 -18.19 12.16
N GLY A 220 22.49 -18.06 12.66
CA GLY A 220 22.11 -16.90 13.52
C GLY A 220 21.69 -15.65 12.72
N CYS A 221 20.98 -14.75 13.38
CA CYS A 221 20.37 -13.56 12.77
C CYS A 221 19.69 -12.76 13.88
N LEU A 222 18.99 -11.68 13.53
CA LEU A 222 18.46 -10.82 14.62
C LEU A 222 16.97 -10.81 14.58
N ALA A 223 16.35 -10.54 15.72
CA ALA A 223 14.90 -10.45 15.83
C ALA A 223 14.54 -9.21 16.66
N LEU A 224 13.85 -8.30 16.01
CA LEU A 224 13.37 -7.12 16.67
C LEU A 224 11.99 -7.55 17.16
N VAL A 225 11.65 -7.27 18.42
CA VAL A 225 10.30 -7.60 18.89
C VAL A 225 9.45 -6.35 18.80
N ASP A 226 8.61 -6.34 17.74
CA ASP A 226 7.98 -5.10 17.28
C ASP A 226 6.45 -5.10 17.46
N THR A 227 5.98 -4.45 18.50
CA THR A 227 4.57 -4.44 18.79
C THR A 227 3.79 -3.56 17.77
N GLY A 228 4.51 -2.74 16.97
CA GLY A 228 3.85 -1.98 15.93
C GLY A 228 3.76 -2.74 14.58
N ALA A 229 4.34 -3.94 14.53
CA ALA A 229 4.31 -4.76 13.31
C ALA A 229 3.12 -5.72 13.31
N SER A 230 2.36 -5.73 12.22
CA SER A 230 1.20 -6.63 12.18
C SER A 230 1.66 -8.08 12.04
N TYR A 231 2.66 -8.29 11.19
CA TYR A 231 3.05 -9.59 10.75
C TYR A 231 4.40 -10.02 11.31
N ILE A 232 4.83 -11.24 10.99
CA ILE A 232 6.22 -11.54 11.12
C ILE A 232 6.89 -11.02 9.87
N SER A 233 8.08 -10.42 9.96
CA SER A 233 8.79 -10.09 8.75
C SER A 233 10.23 -10.57 8.78
N GLY A 234 10.72 -10.88 7.61
CA GLY A 234 12.11 -11.20 7.42
C GLY A 234 12.56 -10.46 6.17
N SER A 235 13.81 -10.66 5.79
CA SER A 235 14.41 -9.97 4.68
C SER A 235 13.81 -10.59 3.46
N THR A 236 13.85 -9.87 2.36
CA THR A 236 13.39 -10.42 1.09
C THR A 236 13.99 -11.78 0.82
N SER A 237 15.29 -11.95 0.97
CA SER A 237 15.87 -13.26 0.61
C SER A 237 15.46 -14.41 1.55
N SER A 238 15.19 -14.13 2.80
CA SER A 238 14.72 -15.22 3.69
C SER A 238 13.29 -15.54 3.38
N ILE A 239 12.47 -14.52 3.29
CA ILE A 239 11.06 -14.73 3.03
C ILE A 239 10.78 -15.53 1.75
N GLU A 240 11.51 -15.25 0.66
CA GLU A 240 11.41 -16.00 -0.60
C GLU A 240 11.62 -17.48 -0.31
N LYS A 241 12.66 -17.78 0.48
CA LYS A 241 12.97 -19.17 0.80
C LYS A 241 11.82 -19.75 1.57
N LEU A 242 11.35 -19.03 2.61
CA LEU A 242 10.26 -19.52 3.43
C LEU A 242 9.03 -19.77 2.55
N MET A 243 8.70 -18.81 1.70
CA MET A 243 7.43 -18.86 0.98
C MET A 243 7.44 -20.03 -0.05
N GLU A 244 8.57 -20.20 -0.73
CA GLU A 244 8.75 -21.36 -1.56
C GLU A 244 8.55 -22.67 -0.74
N ALA A 245 9.12 -22.72 0.47
CA ALA A 245 8.97 -23.92 1.29
C ALA A 245 7.48 -24.17 1.54
N LEU A 246 6.71 -23.10 1.66
CA LEU A 246 5.26 -23.28 1.90
C LEU A 246 4.40 -23.36 0.63
N GLY A 247 5.02 -23.22 -0.53
CA GLY A 247 4.32 -23.19 -1.79
C GLY A 247 3.44 -21.98 -1.89
N ALA A 248 3.83 -20.89 -1.24
CA ALA A 248 3.04 -19.68 -1.28
C ALA A 248 3.30 -18.85 -2.55
N LYS A 249 2.31 -18.04 -2.92
CA LYS A 249 2.41 -17.13 -4.07
C LYS A 249 2.43 -15.68 -3.63
N LYS A 250 3.29 -14.90 -4.22
CA LYS A 250 3.42 -13.52 -3.91
C LYS A 250 2.51 -12.75 -4.78
N ARG A 251 1.77 -11.86 -4.17
CA ARG A 251 0.91 -10.93 -4.85
C ARG A 251 1.42 -9.57 -4.58
N LEU A 252 0.65 -8.57 -4.92
CA LEU A 252 1.04 -7.20 -4.76
C LEU A 252 1.14 -6.73 -3.32
N PHE A 253 0.17 -7.07 -2.50
CA PHE A 253 0.12 -6.61 -1.12
C PHE A 253 0.46 -7.70 -0.11
N ASP A 254 0.42 -8.97 -0.54
CA ASP A 254 0.55 -10.07 0.37
C ASP A 254 1.09 -11.36 -0.25
N TYR A 255 1.23 -12.37 0.60
CA TYR A 255 1.52 -13.73 0.19
C TYR A 255 0.32 -14.64 0.55
N VAL A 256 0.01 -15.51 -0.38
CA VAL A 256 -1.14 -16.36 -0.25
C VAL A 256 -0.89 -17.81 -0.52
N VAL A 257 -1.83 -18.58 -0.06
CA VAL A 257 -1.83 -20.01 -0.18
C VAL A 257 -3.26 -20.40 -0.54
N LYS A 258 -3.44 -21.52 -1.17
CA LYS A 258 -4.76 -22.04 -1.36
C LYS A 258 -5.36 -22.35 -0.01
N CYS A 259 -6.52 -21.79 0.26
CA CYS A 259 -7.11 -21.86 1.57
C CYS A 259 -7.25 -23.28 2.11
N ASN A 260 -7.49 -24.25 1.22
CA ASN A 260 -7.69 -25.64 1.66
C ASN A 260 -6.39 -26.26 2.15
N GLU A 261 -5.28 -25.72 1.64
CA GLU A 261 -3.94 -26.26 1.92
C GLU A 261 -3.37 -25.75 3.25
N GLY A 262 -3.92 -24.65 3.76
CA GLY A 262 -3.36 -23.95 4.91
C GLY A 262 -3.16 -24.83 6.14
N PRO A 263 -4.22 -25.53 6.56
CA PRO A 263 -4.17 -26.35 7.77
C PRO A 263 -3.07 -27.42 7.82
N THR A 264 -2.70 -28.00 6.69
CA THR A 264 -1.62 -29.01 6.65
C THR A 264 -0.24 -28.46 6.23
N LEU A 265 -0.11 -27.13 6.27
CA LEU A 265 1.19 -26.49 6.03
C LEU A 265 2.09 -26.69 7.25
N PRO A 266 3.42 -26.78 7.02
CA PRO A 266 4.33 -27.02 8.14
C PRO A 266 4.39 -25.89 9.21
N ASP A 267 4.73 -26.27 10.44
CA ASP A 267 5.00 -25.32 11.53
C ASP A 267 6.20 -24.45 11.17
N ILE A 268 6.25 -23.24 11.70
CA ILE A 268 7.45 -22.42 11.54
C ILE A 268 7.97 -22.21 12.94
N SER A 269 9.24 -22.53 13.21
CA SER A 269 9.74 -22.30 14.59
C SER A 269 10.84 -21.28 14.64
N PHE A 270 10.85 -20.48 15.68
CA PHE A 270 11.88 -19.49 15.88
C PHE A 270 12.70 -19.91 17.08
N HIS A 271 14.02 -20.04 16.89
CA HIS A 271 14.92 -20.52 17.96
C HIS A 271 15.49 -19.35 18.78
N LEU A 272 14.97 -19.20 19.99
CA LEU A 272 15.25 -18.01 20.79
C LEU A 272 15.63 -18.37 22.23
N GLY A 273 16.78 -17.88 22.68
CA GLY A 273 17.29 -18.16 24.02
C GLY A 273 17.33 -19.63 24.36
N GLY A 274 17.79 -20.46 23.42
CA GLY A 274 17.82 -21.93 23.58
C GLY A 274 16.48 -22.70 23.45
N LYS A 275 15.38 -21.99 23.17
CA LYS A 275 14.06 -22.66 23.05
C LYS A 275 13.42 -22.51 21.67
N GLU A 276 12.44 -23.39 21.41
CA GLU A 276 11.71 -23.36 20.18
C GLU A 276 10.39 -22.63 20.42
N TYR A 277 10.20 -21.53 19.69
CA TYR A 277 8.92 -20.81 19.69
C TYR A 277 8.23 -21.12 18.40
N THR A 278 7.18 -21.91 18.51
CA THR A 278 6.59 -22.52 17.35
C THR A 278 5.25 -21.90 16.97
N LEU A 279 5.04 -21.63 15.67
CA LEU A 279 3.76 -21.09 15.19
C LEU A 279 3.30 -22.06 14.19
N THR A 280 2.06 -22.55 14.38
CA THR A 280 1.45 -23.47 13.44
C THR A 280 0.72 -22.67 12.38
N SER A 281 0.32 -23.32 11.31
CA SER A 281 -0.42 -22.70 10.23
C SER A 281 -1.75 -22.11 10.74
N ALA A 282 -2.23 -22.59 11.88
CA ALA A 282 -3.42 -21.97 12.42
C ALA A 282 -3.07 -20.60 13.03
N ASP A 283 -1.81 -20.41 13.38
CA ASP A 283 -1.42 -19.09 13.89
C ASP A 283 -0.99 -18.16 12.75
N TYR A 284 -0.55 -18.69 11.63
CA TYR A 284 0.01 -17.80 10.58
C TYR A 284 -0.83 -17.66 9.29
N VAL A 285 -1.90 -18.46 9.14
CA VAL A 285 -2.79 -18.26 7.97
C VAL A 285 -4.11 -17.60 8.35
N PHE A 286 -4.56 -16.64 7.55
CA PHE A 286 -5.88 -16.07 7.73
C PHE A 286 -6.82 -16.96 6.96
N GLN A 287 -7.47 -17.90 7.63
CA GLN A 287 -8.32 -18.87 6.97
C GLN A 287 -9.69 -18.18 6.85
N GLU A 288 -9.91 -17.42 5.77
CA GLU A 288 -11.25 -16.84 5.54
C GLU A 288 -12.26 -17.89 5.10
N SER A 289 -11.73 -18.95 4.52
CA SER A 289 -12.45 -20.14 4.21
C SER A 289 -11.43 -21.28 4.08
N TYR A 290 -11.91 -22.44 3.66
CA TYR A 290 -11.08 -23.60 3.37
C TYR A 290 -11.31 -24.07 1.96
N SER A 291 -11.83 -23.18 1.13
CA SER A 291 -12.16 -23.53 -0.25
C SER A 291 -10.91 -23.58 -1.11
N SER A 292 -10.84 -24.58 -1.98
CA SER A 292 -9.69 -24.74 -2.85
C SER A 292 -9.76 -23.82 -4.06
N LYS A 293 -10.77 -22.98 -4.12
CA LYS A 293 -10.84 -22.05 -5.22
C LYS A 293 -10.56 -20.63 -4.75
N LYS A 294 -10.25 -20.47 -3.45
CA LYS A 294 -9.96 -19.19 -2.80
C LYS A 294 -8.49 -19.14 -2.34
N LEU A 295 -7.95 -17.93 -2.30
CA LEU A 295 -6.60 -17.76 -1.83
C LEU A 295 -6.64 -17.11 -0.45
N CYS A 296 -5.87 -17.65 0.50
CA CYS A 296 -5.79 -17.10 1.87
C CYS A 296 -4.43 -16.43 2.20
N THR A 297 -4.49 -15.24 2.79
CA THR A 297 -3.29 -14.47 3.16
C THR A 297 -2.56 -15.07 4.40
N LEU A 298 -1.22 -15.13 4.29
CA LEU A 298 -0.35 -15.43 5.43
C LEU A 298 0.02 -14.15 6.23
N ALA A 299 0.10 -14.26 7.55
CA ALA A 299 0.49 -13.14 8.36
C ALA A 299 2.05 -13.02 8.49
N ILE A 300 2.71 -13.04 7.34
CA ILE A 300 4.16 -13.05 7.23
C ILE A 300 4.46 -12.33 5.94
N HIS A 301 5.46 -11.43 5.92
CA HIS A 301 5.86 -10.75 4.69
C HIS A 301 7.34 -10.37 4.78
N ALA A 302 7.89 -9.89 3.68
CA ALA A 302 9.26 -9.40 3.58
C ALA A 302 9.35 -7.94 3.96
N MET A 303 10.38 -7.58 4.71
CA MET A 303 10.69 -6.20 5.03
C MET A 303 12.20 -6.04 5.15
N ASP A 304 12.82 -5.30 4.23
CA ASP A 304 14.25 -5.13 4.35
C ASP A 304 14.46 -3.88 5.18
N ILE A 305 14.71 -4.11 6.47
CA ILE A 305 14.95 -3.06 7.44
C ILE A 305 16.43 -2.66 7.33
N PRO A 306 16.67 -1.34 7.13
CA PRO A 306 18.04 -0.93 6.83
C PRO A 306 18.95 -0.88 8.08
N PRO A 307 20.28 -1.01 7.89
CA PRO A 307 21.19 -0.80 9.04
C PRO A 307 20.93 0.63 9.53
N PRO A 308 21.22 0.94 10.81
CA PRO A 308 21.91 0.03 11.72
C PRO A 308 20.99 -1.09 12.31
N THR A 309 19.69 -0.83 12.50
CA THR A 309 18.83 -1.82 13.18
C THR A 309 18.64 -3.13 12.40
N GLY A 310 18.39 -3.06 11.10
CA GLY A 310 18.43 -4.26 10.26
C GLY A 310 19.82 -4.53 9.71
N PRO A 311 20.01 -5.58 8.93
CA PRO A 311 18.97 -6.53 8.57
C PRO A 311 18.52 -7.36 9.74
N THR A 312 17.24 -7.57 9.85
CA THR A 312 16.69 -8.25 10.95
C THR A 312 15.32 -8.74 10.62
N TRP A 313 14.91 -9.76 11.32
CA TRP A 313 13.56 -10.23 11.37
C TRP A 313 12.82 -9.34 12.33
N ALA A 314 11.51 -9.32 12.23
CA ALA A 314 10.72 -8.62 13.18
C ALA A 314 9.56 -9.51 13.58
N LEU A 315 9.33 -9.60 14.88
CA LEU A 315 8.36 -10.49 15.40
C LEU A 315 7.24 -9.61 15.79
N GLY A 316 6.17 -9.59 15.03
CA GLY A 316 5.07 -8.71 15.26
C GLY A 316 3.87 -9.42 15.86
N ALA A 317 2.66 -8.90 15.61
CA ALA A 317 1.46 -9.43 16.29
C ALA A 317 1.19 -10.94 16.01
N THR A 318 1.52 -11.42 14.81
CA THR A 318 1.44 -12.82 14.51
C THR A 318 2.14 -13.64 15.62
N PHE A 319 3.21 -13.12 16.16
CA PHE A 319 4.02 -13.89 17.10
C PHE A 319 3.54 -13.61 18.51
N ILE A 320 3.23 -12.36 18.78
CA ILE A 320 2.81 -11.90 20.07
C ILE A 320 1.46 -12.44 20.48
N ARG A 321 0.60 -12.65 19.51
CA ARG A 321 -0.66 -13.31 19.72
C ARG A 321 -0.42 -14.60 20.49
N LYS A 322 0.57 -15.37 20.08
CA LYS A 322 0.87 -16.58 20.79
C LYS A 322 1.67 -16.41 22.06
N PHE A 323 2.58 -15.48 22.08
CA PHE A 323 3.48 -15.35 23.22
C PHE A 323 3.35 -14.02 23.83
N TYR A 324 2.60 -13.94 24.93
CA TYR A 324 2.62 -12.78 25.79
C TYR A 324 4.04 -12.26 25.94
N THR A 325 4.25 -10.94 25.90
CA THR A 325 5.61 -10.41 25.85
C THR A 325 5.87 -9.36 26.90
N GLU A 326 6.90 -9.58 27.69
CA GLU A 326 7.30 -8.59 28.68
C GLU A 326 8.61 -7.93 28.25
N PHE A 327 8.61 -6.61 28.25
CA PHE A 327 9.73 -5.81 27.83
C PHE A 327 10.26 -5.21 29.09
N ASP A 328 11.50 -5.53 29.43
CA ASP A 328 11.99 -5.20 30.77
C ASP A 328 13.17 -4.24 30.63
N ARG A 329 12.98 -2.98 31.02
CA ARG A 329 14.04 -1.94 30.98
C ARG A 329 15.08 -2.05 32.07
N ARG A 330 14.66 -2.40 33.29
CA ARG A 330 15.61 -2.57 34.41
C ARG A 330 16.78 -3.51 34.03
N ASN A 331 16.46 -4.72 33.58
CA ASN A 331 17.45 -5.75 33.24
C ASN A 331 17.74 -5.90 31.74
N ASN A 332 17.21 -5.03 30.87
CA ASN A 332 17.47 -5.11 29.42
C ASN A 332 17.27 -6.48 28.82
N ARG A 333 16.03 -6.92 28.81
CA ARG A 333 15.70 -8.26 28.38
C ARG A 333 14.22 -8.31 28.08
N ILE A 334 13.82 -9.35 27.35
CA ILE A 334 12.46 -9.52 26.95
C ILE A 334 12.13 -10.90 27.45
N GLY A 335 10.94 -11.01 28.05
CA GLY A 335 10.39 -12.31 28.44
C GLY A 335 9.15 -12.67 27.63
N PHE A 336 9.09 -13.95 27.26
CA PHE A 336 7.98 -14.60 26.58
C PHE A 336 7.34 -15.70 27.44
N ALA A 337 6.01 -15.72 27.48
CA ALA A 337 5.25 -16.88 28.03
C ALA A 337 4.08 -17.16 27.10
N LEU A 338 3.56 -18.37 27.12
CA LEU A 338 2.42 -18.74 26.30
C LEU A 338 1.21 -17.89 26.64
N ALA A 339 0.65 -17.25 25.63
CA ALA A 339 -0.49 -16.41 25.90
C ALA A 339 -1.71 -17.30 26.04
N ARG A 340 -2.57 -16.92 26.98
CA ARG A 340 -3.95 -17.46 27.03
C ARG A 340 -4.96 -16.31 27.23
N GLY B 4 -18.69 10.39 -40.73
CA GLY B 4 -17.81 10.08 -39.54
C GLY B 4 -16.73 11.14 -39.36
N ASN B 5 -16.96 12.15 -38.54
CA ASN B 5 -16.09 13.31 -38.44
C ASN B 5 -15.56 13.55 -37.04
N THR B 6 -16.24 13.02 -36.04
CA THR B 6 -16.00 13.46 -34.67
C THR B 6 -14.82 12.93 -33.88
N THR B 7 -14.20 13.83 -33.14
CA THR B 7 -13.07 13.62 -32.27
C THR B 7 -13.45 14.20 -30.94
N SER B 8 -13.14 13.52 -29.84
CA SER B 8 -13.57 13.97 -28.53
C SER B 8 -12.45 13.91 -27.50
N SER B 9 -12.31 14.96 -26.71
CA SER B 9 -11.25 15.05 -25.73
C SER B 9 -11.69 15.08 -24.31
N VAL B 10 -11.09 14.26 -23.48
CA VAL B 10 -11.35 14.36 -22.03
C VAL B 10 -10.13 14.88 -21.30
N ILE B 11 -10.27 15.98 -20.56
CA ILE B 11 -9.16 16.52 -19.77
C ILE B 11 -8.95 15.56 -18.60
N LEU B 12 -7.71 15.19 -18.32
CA LEU B 12 -7.42 14.33 -17.16
C LEU B 12 -6.80 15.09 -15.97
N THR B 13 -7.05 14.60 -14.75
CA THR B 13 -6.34 15.09 -13.57
C THR B 13 -5.14 14.18 -13.31
N ASN B 14 -3.99 14.75 -12.95
CA ASN B 14 -2.84 13.97 -12.58
C ASN B 14 -2.65 14.06 -11.05
N TYR B 15 -2.92 12.98 -10.32
CA TYR B 15 -2.58 12.98 -8.89
C TYR B 15 -1.22 12.30 -8.64
N MET B 16 -0.24 13.10 -8.24
CA MET B 16 1.05 12.54 -7.78
C MET B 16 1.79 11.69 -8.82
N ASP B 17 1.46 11.86 -10.11
CA ASP B 17 2.05 11.05 -11.16
C ASP B 17 1.74 9.56 -11.07
N THR B 18 0.78 9.19 -10.23
CA THR B 18 0.45 7.74 -10.14
C THR B 18 -1.02 7.42 -10.45
N GLN B 19 -1.90 8.43 -10.34
CA GLN B 19 -3.32 8.27 -10.68
C GLN B 19 -3.74 9.36 -11.68
N TYR B 20 -4.15 8.96 -12.90
CA TYR B 20 -4.66 9.86 -13.96
C TYR B 20 -6.12 9.51 -14.25
N TYR B 21 -7.00 10.49 -14.22
CA TYR B 21 -8.45 10.25 -14.33
C TYR B 21 -9.21 11.47 -14.86
N GLY B 22 -10.35 11.22 -15.51
CA GLY B 22 -11.16 12.31 -16.03
C GLY B 22 -12.59 12.04 -15.61
N GLU B 23 -13.48 12.91 -16.08
CA GLU B 23 -14.88 12.85 -15.70
C GLU B 23 -15.69 12.26 -16.82
N ILE B 24 -16.58 11.34 -16.44
CA ILE B 24 -17.67 10.88 -17.27
C ILE B 24 -19.04 11.18 -16.61
N GLY B 25 -20.10 11.25 -17.43
CA GLY B 25 -21.45 11.53 -16.97
C GLY B 25 -22.32 10.30 -17.20
N ILE B 26 -22.94 9.81 -16.15
CA ILE B 26 -23.84 8.69 -16.36
C ILE B 26 -25.27 9.15 -16.10
N GLY B 27 -26.14 8.84 -17.06
CA GLY B 27 -27.59 8.99 -16.93
C GLY B 27 -28.14 10.33 -17.34
N THR B 28 -29.48 10.43 -17.31
CA THR B 28 -30.22 11.71 -17.29
C THR B 28 -31.10 11.73 -16.03
N PRO B 29 -30.95 12.77 -15.22
CA PRO B 29 -29.92 13.79 -15.41
C PRO B 29 -28.50 13.15 -15.15
N PRO B 30 -27.43 13.58 -15.89
CA PRO B 30 -26.05 12.99 -15.77
C PRO B 30 -25.34 13.14 -14.42
N GLN B 31 -25.19 12.01 -13.70
CA GLN B 31 -24.38 11.86 -12.47
C GLN B 31 -22.91 11.67 -12.87
N THR B 32 -22.03 12.50 -12.32
CA THR B 32 -20.64 12.59 -12.80
C THR B 32 -19.63 11.81 -11.95
N PHE B 33 -18.79 11.03 -12.63
CA PHE B 33 -17.80 10.21 -11.95
C PHE B 33 -16.41 10.54 -12.44
N LYS B 34 -15.42 10.44 -11.56
CA LYS B 34 -14.00 10.47 -11.96
C LYS B 34 -13.59 9.04 -12.30
N VAL B 35 -13.00 8.87 -13.50
CA VAL B 35 -12.58 7.53 -13.93
C VAL B 35 -11.17 7.46 -14.49
N VAL B 36 -10.56 6.30 -14.28
CA VAL B 36 -9.30 5.92 -14.97
C VAL B 36 -9.68 5.25 -16.28
N PHE B 37 -9.07 5.70 -17.36
CA PHE B 37 -9.26 5.05 -18.66
C PHE B 37 -8.09 4.06 -18.80
N ASP B 38 -8.43 2.78 -18.75
CA ASP B 38 -7.51 1.67 -18.52
C ASP B 38 -7.46 0.69 -19.73
N THR B 39 -6.42 0.76 -20.57
CA THR B 39 -6.31 -0.10 -21.71
C THR B 39 -5.96 -1.51 -21.26
N GLY B 40 -5.68 -1.68 -19.96
CA GLY B 40 -5.37 -3.03 -19.44
C GLY B 40 -6.59 -3.81 -18.95
N SER B 41 -7.77 -3.20 -19.04
CA SER B 41 -9.00 -3.96 -18.74
C SER B 41 -10.12 -3.53 -19.73
N SER B 42 -11.23 -4.25 -19.72
CA SER B 42 -12.27 -4.03 -20.72
C SER B 42 -13.69 -3.75 -20.15
N ASN B 43 -13.86 -3.66 -18.84
CA ASN B 43 -15.17 -3.36 -18.23
C ASN B 43 -15.31 -1.94 -17.70
N VAL B 44 -16.56 -1.46 -17.62
CA VAL B 44 -16.86 -0.16 -17.05
C VAL B 44 -17.48 -0.39 -15.68
N TRP B 45 -17.00 0.33 -14.66
CA TRP B 45 -17.67 0.27 -13.34
C TRP B 45 -17.58 1.55 -12.54
N VAL B 46 -18.64 1.83 -11.79
CA VAL B 46 -18.68 2.94 -10.83
C VAL B 46 -19.22 2.38 -9.52
N PRO B 47 -19.10 3.14 -8.41
CA PRO B 47 -19.65 2.61 -7.18
C PRO B 47 -21.16 2.86 -7.19
N SER B 48 -21.93 1.96 -6.63
CA SER B 48 -23.40 2.00 -6.66
C SER B 48 -23.97 2.53 -5.36
N SER B 49 -25.05 3.32 -5.45
CA SER B 49 -25.74 3.83 -4.25
C SER B 49 -26.24 2.67 -3.39
N LYS B 50 -26.32 1.48 -3.98
CA LYS B 50 -26.72 0.26 -3.26
C LYS B 50 -25.56 -0.36 -2.50
N CYS B 51 -24.45 0.40 -2.39
CA CYS B 51 -23.26 -0.08 -1.67
C CYS B 51 -23.44 0.01 -0.16
N SER B 52 -23.32 -1.13 0.53
CA SER B 52 -23.33 -1.17 1.99
C SER B 52 -22.40 -0.09 2.56
N ARG B 53 -22.76 0.46 3.72
CA ARG B 53 -21.98 1.57 4.24
C ARG B 53 -20.80 1.09 5.12
N LEU B 54 -20.71 -0.23 5.31
CA LEU B 54 -19.58 -0.88 5.99
C LEU B 54 -18.38 -1.08 5.04
N TYR B 55 -18.53 -0.59 3.80
CA TYR B 55 -17.49 -0.55 2.79
C TYR B 55 -17.13 0.88 2.64
N THR B 56 -16.21 1.36 3.48
CA THR B 56 -15.93 2.79 3.63
C THR B 56 -15.44 3.42 2.32
N ALA B 57 -14.90 2.58 1.43
CA ALA B 57 -14.52 3.05 0.09
C ALA B 57 -15.71 3.69 -0.65
N CYS B 58 -16.91 3.13 -0.46
CA CYS B 58 -18.16 3.69 -1.00
C CYS B 58 -18.55 5.05 -0.39
N VAL B 59 -18.59 5.16 0.93
CA VAL B 59 -18.74 6.45 1.61
C VAL B 59 -17.86 7.51 0.94
N TYR B 60 -16.62 7.10 0.68
CA TYR B 60 -15.54 8.01 0.28
C TYR B 60 -15.65 8.53 -1.18
N HIS B 61 -16.22 7.71 -2.07
CA HIS B 61 -16.41 8.10 -3.48
C HIS B 61 -17.87 8.45 -3.89
N LYS B 62 -18.06 9.04 -5.09
CA LYS B 62 -19.36 9.42 -5.61
C LYS B 62 -20.14 8.17 -5.97
N LEU B 63 -21.41 8.10 -5.58
CA LEU B 63 -22.21 6.90 -5.86
C LEU B 63 -23.26 7.06 -6.99
N PHE B 64 -23.45 5.98 -7.77
CA PHE B 64 -24.50 5.91 -8.78
C PHE B 64 -25.87 5.40 -8.26
N ASP B 65 -26.84 6.30 -8.31
CA ASP B 65 -28.22 6.01 -7.99
C ASP B 65 -29.04 5.88 -9.26
N ALA B 66 -29.49 4.67 -9.53
CA ALA B 66 -30.34 4.35 -10.67
C ALA B 66 -31.72 4.97 -10.62
N SER B 67 -32.44 4.69 -9.57
CA SER B 67 -33.69 5.34 -9.38
C SER B 67 -33.34 6.75 -9.14
N ASP B 68 -32.86 7.40 -10.19
CA ASP B 68 -32.56 8.80 -10.16
C ASP B 68 -32.17 9.20 -11.53
N SER B 69 -32.19 8.25 -12.44
CA SER B 69 -31.98 8.53 -13.85
C SER B 69 -33.06 7.92 -14.72
N SER B 70 -33.60 8.72 -15.62
CA SER B 70 -34.73 8.26 -16.39
C SER B 70 -34.25 7.31 -17.43
N SER B 71 -33.06 7.59 -17.93
CA SER B 71 -32.42 6.75 -18.95
C SER B 71 -32.14 5.34 -18.45
N TYR B 72 -31.95 5.19 -17.16
CA TYR B 72 -31.51 3.94 -16.57
C TYR B 72 -32.30 2.78 -17.07
N LYS B 73 -31.71 1.61 -17.05
CA LYS B 73 -32.43 0.41 -17.40
C LYS B 73 -31.87 -0.83 -16.72
N HIS B 74 -32.48 -1.19 -15.61
CA HIS B 74 -32.11 -2.36 -14.84
C HIS B 74 -31.59 -3.52 -15.64
N ASN B 75 -30.84 -4.42 -14.99
CA ASN B 75 -30.37 -5.70 -15.53
C ASN B 75 -29.90 -6.74 -14.52
N GLY B 76 -29.20 -6.31 -13.49
CA GLY B 76 -28.89 -7.12 -12.34
C GLY B 76 -28.04 -8.38 -12.37
N THR B 77 -27.39 -8.66 -13.46
CA THR B 77 -26.52 -9.82 -13.55
C THR B 77 -25.32 -9.66 -12.64
N GLU B 78 -24.90 -10.72 -12.01
CA GLU B 78 -23.82 -10.59 -11.05
C GLU B 78 -22.44 -10.52 -11.67
N LEU B 79 -21.59 -9.70 -11.10
CA LEU B 79 -20.33 -9.33 -11.74
C LEU B 79 -19.20 -9.26 -10.72
N THR B 80 -18.12 -9.99 -11.01
CA THR B 80 -16.91 -9.95 -10.21
C THR B 80 -15.69 -9.63 -11.08
N LEU B 81 -14.89 -8.67 -10.60
CA LEU B 81 -13.75 -8.11 -11.30
C LEU B 81 -12.53 -8.27 -10.41
N ARG B 82 -11.53 -8.99 -10.91
CA ARG B 82 -10.31 -9.26 -10.16
C ARG B 82 -9.15 -8.52 -10.83
N TYR B 83 -8.62 -7.49 -10.13
CA TYR B 83 -7.40 -6.80 -10.57
C TYR B 83 -6.19 -7.09 -9.64
N SER B 84 -5.05 -6.52 -10.05
CA SER B 84 -3.80 -6.58 -9.27
C SER B 84 -4.06 -6.02 -7.89
N THR B 85 -4.87 -4.97 -7.83
CA THR B 85 -5.23 -4.31 -6.57
C THR B 85 -6.36 -5.01 -5.79
N GLY B 86 -6.85 -6.11 -6.33
CA GLY B 86 -7.85 -6.87 -5.62
C GLY B 86 -9.20 -6.93 -6.35
N THR B 87 -10.23 -7.29 -5.59
CA THR B 87 -11.49 -7.70 -6.15
C THR B 87 -12.62 -6.74 -5.88
N VAL B 88 -13.28 -6.34 -6.96
CA VAL B 88 -14.48 -5.53 -6.87
C VAL B 88 -15.72 -6.36 -7.29
N SER B 89 -16.90 -6.08 -6.73
CA SER B 89 -18.09 -6.90 -7.01
C SER B 89 -19.33 -6.06 -7.05
N GLY B 90 -20.34 -6.55 -7.81
CA GLY B 90 -21.56 -5.79 -8.05
C GLY B 90 -22.47 -6.43 -9.09
N PHE B 91 -23.13 -5.59 -9.89
CA PHE B 91 -24.16 -6.06 -10.81
C PHE B 91 -24.30 -5.13 -12.03
N LEU B 92 -24.70 -5.69 -13.18
CA LEU B 92 -24.80 -4.91 -14.43
C LEU B 92 -26.01 -4.01 -14.48
N SER B 93 -25.82 -2.81 -15.00
CA SER B 93 -26.88 -1.87 -15.23
C SER B 93 -26.62 -1.28 -16.58
N GLN B 94 -27.63 -0.59 -17.13
CA GLN B 94 -27.50 0.08 -18.39
C GLN B 94 -27.96 1.52 -18.28
N ASP B 95 -27.27 2.39 -19.00
CA ASP B 95 -27.65 3.78 -19.06
C ASP B 95 -26.77 4.52 -20.06
N ILE B 96 -26.95 5.84 -20.14
CA ILE B 96 -26.27 6.67 -21.11
C ILE B 96 -25.00 7.26 -20.51
N ILE B 97 -23.87 6.99 -21.16
CA ILE B 97 -22.61 7.52 -20.66
C ILE B 97 -22.14 8.61 -21.59
N THR B 98 -21.92 9.80 -21.05
CA THR B 98 -21.34 10.87 -21.85
C THR B 98 -19.81 10.91 -21.62
N VAL B 99 -19.04 10.84 -22.71
CA VAL B 99 -17.58 10.92 -22.61
C VAL B 99 -17.07 11.95 -23.58
N GLY B 100 -16.71 13.12 -23.06
CA GLY B 100 -16.43 14.29 -23.91
C GLY B 100 -17.74 14.69 -24.55
N GLY B 101 -17.71 14.94 -25.86
CA GLY B 101 -18.93 15.21 -26.61
C GLY B 101 -19.70 13.97 -27.05
N ILE B 102 -19.14 12.79 -26.84
CA ILE B 102 -19.77 11.58 -27.31
C ILE B 102 -20.66 11.02 -26.20
N THR B 103 -21.83 10.53 -26.60
CA THR B 103 -22.80 9.96 -25.69
C THR B 103 -23.10 8.59 -26.20
N VAL B 104 -23.16 7.63 -25.32
CA VAL B 104 -23.30 6.26 -25.75
C VAL B 104 -24.07 5.50 -24.73
N THR B 105 -24.72 4.43 -25.14
CA THR B 105 -25.50 3.58 -24.26
C THR B 105 -24.71 2.36 -23.90
N GLN B 106 -24.54 2.12 -22.61
CA GLN B 106 -23.57 1.14 -22.18
C GLN B 106 -23.96 0.27 -21.02
N MET B 107 -23.51 -0.95 -21.03
CA MET B 107 -23.63 -1.79 -19.88
C MET B 107 -22.41 -1.68 -19.00
N PHE B 108 -22.63 -1.28 -17.77
CA PHE B 108 -21.56 -1.03 -16.81
C PHE B 108 -21.83 -1.66 -15.46
N GLY B 109 -20.78 -1.82 -14.66
CA GLY B 109 -20.93 -2.43 -13.37
C GLY B 109 -21.30 -1.40 -12.33
N GLU B 110 -22.24 -1.76 -11.47
CA GLU B 110 -22.59 -0.95 -10.30
C GLU B 110 -21.97 -1.66 -9.09
N VAL B 111 -20.84 -1.17 -8.61
CA VAL B 111 -20.11 -1.88 -7.56
C VAL B 111 -20.71 -1.74 -6.17
N THR B 112 -20.76 -2.86 -5.46
CA THR B 112 -21.31 -2.92 -4.10
C THR B 112 -20.33 -3.50 -3.08
N GLU B 113 -19.36 -4.31 -3.55
CA GLU B 113 -18.22 -4.78 -2.76
CA GLU B 113 -18.24 -4.78 -2.75
C GLU B 113 -16.98 -4.06 -3.25
N MET B 114 -16.41 -3.17 -2.44
CA MET B 114 -15.07 -2.60 -2.76
C MET B 114 -14.13 -2.44 -1.55
N PRO B 115 -12.99 -3.19 -1.54
CA PRO B 115 -12.09 -3.27 -0.36
C PRO B 115 -11.40 -1.94 0.01
N ALA B 116 -11.42 -1.58 1.31
CA ALA B 116 -10.70 -0.42 1.81
C ALA B 116 -9.29 -0.42 1.27
N LEU B 117 -8.61 -1.57 1.36
CA LEU B 117 -7.33 -1.71 0.68
C LEU B 117 -7.55 -2.25 -0.76
N PRO B 118 -7.33 -1.43 -1.77
CA PRO B 118 -6.70 -0.15 -1.67
C PRO B 118 -7.57 0.99 -2.10
N PHE B 119 -8.86 0.80 -2.16
CA PHE B 119 -9.70 1.81 -2.71
C PHE B 119 -9.87 3.10 -1.92
N MET B 120 -9.54 3.08 -0.64
CA MET B 120 -9.45 4.28 0.17
C MET B 120 -8.27 5.17 -0.22
N LEU B 121 -7.39 4.62 -1.03
CA LEU B 121 -6.29 5.36 -1.64
C LEU B 121 -6.59 5.84 -3.03
N ALA B 122 -7.75 5.46 -3.56
CA ALA B 122 -8.14 5.84 -4.89
C ALA B 122 -8.64 7.27 -4.89
N GLU B 123 -8.08 8.13 -5.70
CA GLU B 123 -8.69 9.42 -5.78
C GLU B 123 -9.79 9.49 -6.87
N PHE B 124 -9.92 8.42 -7.68
CA PHE B 124 -10.98 8.31 -8.66
C PHE B 124 -12.09 7.41 -8.07
N ASP B 125 -13.29 7.54 -8.63
CA ASP B 125 -14.46 6.68 -8.31
C ASP B 125 -14.47 5.30 -8.98
N GLY B 126 -14.21 5.24 -10.28
CA GLY B 126 -14.18 3.92 -10.96
C GLY B 126 -13.30 3.88 -12.22
N VAL B 127 -13.51 2.85 -13.04
CA VAL B 127 -12.63 2.67 -14.18
C VAL B 127 -13.40 2.46 -15.47
N VAL B 128 -12.85 3.01 -16.55
CA VAL B 128 -13.37 2.78 -17.88
C VAL B 128 -12.39 1.91 -18.66
N GLY B 129 -12.72 0.64 -18.81
CA GLY B 129 -11.83 -0.27 -19.51
C GLY B 129 -11.83 0.03 -20.97
N MET B 130 -10.66 0.13 -21.57
CA MET B 130 -10.46 0.54 -22.96
C MET B 130 -9.87 -0.63 -23.73
N GLY B 131 -9.84 -1.80 -23.10
CA GLY B 131 -9.34 -3.00 -23.75
C GLY B 131 -10.43 -3.68 -24.61
N PHE B 132 -10.14 -4.89 -25.08
CA PHE B 132 -10.95 -5.57 -26.09
C PHE B 132 -12.01 -6.44 -25.44
N ILE B 133 -13.08 -6.76 -26.19
CA ILE B 133 -14.12 -7.70 -25.67
C ILE B 133 -13.56 -9.03 -25.22
N GLU B 134 -12.50 -9.48 -25.88
CA GLU B 134 -11.89 -10.76 -25.53
C GLU B 134 -11.51 -10.77 -24.05
N GLN B 135 -11.41 -9.58 -23.45
CA GLN B 135 -10.87 -9.49 -22.11
C GLN B 135 -11.97 -9.14 -21.16
N ALA B 136 -13.14 -8.80 -21.70
CA ALA B 136 -14.29 -8.33 -20.88
C ALA B 136 -14.93 -9.46 -20.09
N ILE B 137 -15.01 -9.26 -18.77
CA ILE B 137 -15.71 -10.16 -17.87
C ILE B 137 -17.24 -10.14 -18.18
N GLY B 138 -17.88 -11.32 -18.25
CA GLY B 138 -19.33 -11.42 -18.58
C GLY B 138 -19.63 -11.02 -20.02
N ARG B 139 -18.60 -11.11 -20.88
CA ARG B 139 -18.61 -10.73 -22.31
C ARG B 139 -19.34 -9.44 -22.70
N VAL B 140 -19.50 -8.53 -21.73
CA VAL B 140 -20.16 -7.23 -21.93
C VAL B 140 -19.42 -6.33 -22.95
N THR B 141 -20.14 -5.65 -23.81
CA THR B 141 -19.47 -4.90 -24.88
C THR B 141 -18.72 -3.66 -24.35
N PRO B 142 -17.41 -3.55 -24.67
CA PRO B 142 -16.64 -2.49 -24.04
C PRO B 142 -17.01 -1.17 -24.64
N ILE B 143 -16.98 -0.13 -23.83
CA ILE B 143 -17.41 1.17 -24.26
C ILE B 143 -16.79 1.66 -25.60
N PHE B 144 -15.55 1.31 -25.93
CA PHE B 144 -15.03 1.79 -27.19
C PHE B 144 -15.65 1.03 -28.36
N ASP B 145 -16.03 -0.22 -28.17
CA ASP B 145 -16.82 -0.92 -29.22
C ASP B 145 -18.16 -0.21 -29.48
N ASN B 146 -18.92 0.07 -28.42
CA ASN B 146 -20.18 0.77 -28.60
C ASN B 146 -20.02 2.11 -29.28
N ILE B 147 -18.83 2.70 -29.19
CA ILE B 147 -18.64 4.03 -29.75
C ILE B 147 -18.33 3.91 -31.24
N ILE B 148 -17.55 2.89 -31.62
CA ILE B 148 -17.08 2.80 -33.00
C ILE B 148 -18.28 2.51 -33.89
N SER B 149 -19.20 1.70 -33.36
CA SER B 149 -20.37 1.29 -34.11
C SER B 149 -21.43 2.42 -34.26
N GLN B 150 -21.28 3.52 -33.51
CA GLN B 150 -21.99 4.75 -33.86
C GLN B 150 -21.55 5.33 -35.22
N GLY B 151 -20.33 4.99 -35.63
CA GLY B 151 -19.76 5.47 -36.87
C GLY B 151 -19.62 6.97 -36.88
N VAL B 152 -19.38 7.55 -35.69
CA VAL B 152 -19.14 8.99 -35.54
C VAL B 152 -17.64 9.33 -35.56
N LEU B 153 -16.78 8.46 -35.02
CA LEU B 153 -15.38 8.82 -34.86
C LEU B 153 -14.71 9.03 -36.21
N LYS B 154 -13.83 10.01 -36.24
CA LYS B 154 -13.02 10.29 -37.40
C LYS B 154 -12.21 9.03 -37.79
N GLU B 155 -11.47 8.45 -36.85
CA GLU B 155 -10.76 7.14 -37.03
C GLU B 155 -11.05 6.28 -35.83
N ASP B 156 -10.99 4.98 -35.98
CA ASP B 156 -11.21 4.07 -34.84
C ASP B 156 -9.96 3.92 -33.96
N VAL B 157 -9.64 5.04 -33.33
CA VAL B 157 -8.38 5.25 -32.63
C VAL B 157 -8.72 6.04 -31.33
N PHE B 158 -7.92 5.87 -30.30
CA PHE B 158 -7.99 6.75 -29.16
C PHE B 158 -6.57 6.91 -28.68
N SER B 159 -6.28 8.04 -28.00
CA SER B 159 -4.90 8.32 -27.66
C SER B 159 -4.69 8.94 -26.26
N PHE B 160 -3.50 8.80 -25.70
CA PHE B 160 -3.22 9.30 -24.32
C PHE B 160 -2.00 10.21 -24.27
N TYR B 161 -2.19 11.39 -23.69
CA TYR B 161 -1.13 12.26 -23.27
C TYR B 161 -1.18 12.21 -21.76
N TYR B 162 -0.06 11.94 -21.13
CA TYR B 162 0.07 12.06 -19.67
C TYR B 162 1.17 13.08 -19.33
N ASN B 163 0.81 14.09 -18.56
CA ASN B 163 1.76 15.12 -18.14
C ASN B 163 2.44 14.72 -16.84
N ARG B 164 3.60 15.33 -16.55
CA ARG B 164 4.34 15.17 -15.30
C ARG B 164 3.85 16.16 -14.30
N ASP B 165 3.80 15.76 -13.06
CA ASP B 165 3.32 16.65 -12.05
C ASP B 165 4.13 17.91 -12.00
N SER B 166 3.42 19.00 -12.20
CA SER B 166 3.91 20.36 -12.16
C SER B 166 3.11 20.82 -11.00
N GLU B 167 3.75 20.98 -9.87
CA GLU B 167 3.01 21.18 -8.67
C GLU B 167 2.03 22.37 -8.86
N ASN B 168 2.09 22.98 -10.04
CA ASN B 168 1.51 24.26 -10.38
C ASN B 168 0.14 24.25 -11.09
N SER B 169 -0.68 25.27 -10.81
CA SER B 169 -2.14 25.36 -11.09
C SER B 169 -2.72 24.82 -12.39
N GLN B 170 -3.39 25.68 -13.16
CA GLN B 170 -4.05 25.31 -14.44
C GLN B 170 -3.10 24.84 -15.54
N SER B 171 -2.33 23.82 -15.25
CA SER B 171 -1.59 23.04 -16.23
C SER B 171 -2.38 21.75 -16.46
N LEU B 172 -2.29 21.18 -17.66
CA LEU B 172 -3.10 20.02 -17.99
C LEU B 172 -2.49 18.76 -17.36
N GLY B 173 -3.29 18.00 -16.64
CA GLY B 173 -2.82 16.75 -16.02
C GLY B 173 -2.53 15.64 -17.03
N GLY B 174 -3.41 15.55 -18.03
CA GLY B 174 -3.30 14.64 -19.14
C GLY B 174 -4.51 14.83 -20.04
N GLN B 175 -4.53 14.09 -21.16
CA GLN B 175 -5.68 14.15 -22.08
C GLN B 175 -5.89 12.81 -22.80
N ILE B 176 -7.13 12.30 -22.78
CA ILE B 176 -7.50 11.22 -23.70
C ILE B 176 -8.26 11.83 -24.91
N VAL B 177 -7.98 11.32 -26.10
CA VAL B 177 -8.66 11.74 -27.31
C VAL B 177 -9.29 10.49 -27.90
N LEU B 178 -10.60 10.56 -28.11
CA LEU B 178 -11.36 9.51 -28.81
C LEU B 178 -11.52 9.98 -30.25
N GLY B 179 -10.91 9.25 -31.18
CA GLY B 179 -11.06 9.50 -32.62
C GLY B 179 -9.82 9.96 -33.32
N GLY B 180 -8.75 10.18 -32.54
CA GLY B 180 -7.53 10.70 -33.13
C GLY B 180 -6.49 11.06 -32.11
N SER B 181 -5.51 11.84 -32.54
CA SER B 181 -4.44 12.25 -31.65
C SER B 181 -4.19 13.75 -31.73
N ASP B 182 -3.69 14.32 -30.65
CA ASP B 182 -3.56 15.75 -30.51
C ASP B 182 -2.09 16.20 -30.70
N PRO B 183 -1.78 16.77 -31.88
CA PRO B 183 -0.40 17.12 -32.22
C PRO B 183 0.15 18.28 -31.37
N GLN B 184 -0.72 18.99 -30.66
CA GLN B 184 -0.32 19.82 -29.51
C GLN B 184 0.53 19.08 -28.42
N HIS B 185 0.27 17.77 -28.21
CA HIS B 185 0.97 17.05 -27.16
C HIS B 185 2.03 16.07 -27.57
N TYR B 186 2.34 15.97 -28.87
CA TYR B 186 3.50 15.15 -29.27
C TYR B 186 4.33 15.84 -30.35
N GLU B 187 5.58 15.41 -30.51
CA GLU B 187 6.34 15.98 -31.59
C GLU B 187 6.68 14.89 -32.60
N GLY B 188 7.08 15.29 -33.81
CA GLY B 188 7.54 14.34 -34.82
C GLY B 188 6.42 13.39 -35.30
N ASN B 189 6.82 12.23 -35.84
CA ASN B 189 5.85 11.29 -36.38
C ASN B 189 5.62 10.10 -35.45
N PHE B 190 4.43 9.50 -35.51
CA PHE B 190 4.24 8.21 -34.88
C PHE B 190 5.15 7.09 -35.42
N HIS B 191 5.68 6.27 -34.53
CA HIS B 191 6.24 4.98 -34.91
C HIS B 191 5.19 3.92 -34.58
N TYR B 192 4.73 3.15 -35.57
CA TYR B 192 3.64 2.21 -35.29
C TYR B 192 4.09 0.75 -35.15
N ILE B 193 3.52 0.00 -34.21
CA ILE B 193 3.94 -1.36 -33.95
C ILE B 193 2.74 -2.30 -33.96
N ASN B 194 2.87 -3.45 -34.63
CA ASN B 194 1.79 -4.44 -34.66
C ASN B 194 1.47 -4.90 -33.25
N LEU B 195 0.20 -5.11 -32.92
CA LEU B 195 -0.16 -5.96 -31.81
C LEU B 195 0.22 -7.44 -32.09
N ILE B 196 0.63 -8.20 -31.07
CA ILE B 196 0.75 -9.66 -31.22
C ILE B 196 -0.59 -10.29 -31.74
N LYS B 197 -1.64 -10.21 -30.90
CA LYS B 197 -3.02 -10.59 -31.28
C LYS B 197 -4.07 -9.58 -30.82
N THR B 198 -5.32 -9.92 -31.08
CA THR B 198 -6.40 -8.93 -30.96
C THR B 198 -7.01 -9.00 -29.55
N GLY B 199 -6.78 -10.04 -28.81
CA GLY B 199 -7.32 -9.90 -27.42
C GLY B 199 -6.86 -8.66 -26.61
N VAL B 200 -5.64 -8.20 -26.87
CA VAL B 200 -4.80 -7.48 -25.90
C VAL B 200 -4.02 -6.28 -26.52
N TRP B 201 -3.96 -5.18 -25.78
CA TRP B 201 -3.10 -4.09 -26.20
C TRP B 201 -1.65 -4.41 -25.80
N GLN B 202 -1.04 -5.27 -26.61
CA GLN B 202 0.20 -5.92 -26.21
C GLN B 202 1.07 -6.10 -27.43
N ILE B 203 2.30 -5.62 -27.34
CA ILE B 203 3.27 -5.68 -28.39
C ILE B 203 4.46 -6.53 -27.96
N GLN B 204 5.29 -6.91 -28.94
CA GLN B 204 6.48 -7.67 -28.74
C GLN B 204 7.63 -6.70 -28.42
N MET B 205 8.44 -7.08 -27.41
CA MET B 205 9.63 -6.34 -27.02
C MET B 205 10.84 -7.24 -27.27
N LYS B 206 11.88 -6.65 -27.81
CA LYS B 206 13.06 -7.41 -28.20
C LYS B 206 14.24 -7.09 -27.27
N GLY B 207 14.00 -6.65 -26.04
CA GLY B 207 15.11 -6.36 -25.17
C GLY B 207 15.00 -5.10 -24.33
N VAL B 208 15.48 -5.20 -23.09
CA VAL B 208 15.56 -4.13 -22.11
C VAL B 208 17.06 -3.96 -21.80
N SER B 209 17.54 -2.73 -21.98
CA SER B 209 18.96 -2.41 -21.80
C SER B 209 19.14 -1.41 -20.66
N VAL B 210 20.22 -1.54 -19.91
CA VAL B 210 20.56 -0.54 -18.90
C VAL B 210 21.86 0.07 -19.44
N GLY B 211 21.86 1.37 -19.70
CA GLY B 211 22.95 1.96 -20.43
C GLY B 211 23.00 1.30 -21.80
N SER B 212 24.18 0.91 -22.22
CA SER B 212 24.27 0.32 -23.52
C SER B 212 24.29 -1.20 -23.41
N SER B 213 24.06 -1.76 -22.23
CA SER B 213 24.16 -3.21 -22.01
C SER B 213 22.78 -3.87 -22.00
N THR B 214 22.53 -4.74 -22.96
CA THR B 214 21.29 -5.54 -22.94
C THR B 214 21.29 -6.47 -21.72
N LEU B 215 20.22 -6.43 -20.94
CA LEU B 215 20.20 -7.05 -19.63
C LEU B 215 19.23 -8.23 -19.58
N LEU B 216 18.10 -8.05 -20.23
CA LEU B 216 16.95 -8.91 -20.09
C LEU B 216 16.24 -8.99 -21.42
N CYS B 217 15.34 -9.97 -21.55
CA CYS B 217 14.46 -10.06 -22.71
C CYS B 217 15.26 -10.14 -24.06
N GLU B 218 16.45 -10.73 -24.05
CA GLU B 218 17.28 -10.89 -25.29
C GLU B 218 16.70 -11.87 -26.36
N ASP B 219 15.97 -12.91 -25.94
CA ASP B 219 15.24 -13.79 -26.92
C ASP B 219 13.76 -13.39 -27.01
N GLY B 220 13.47 -12.12 -26.66
CA GLY B 220 12.14 -11.56 -26.77
C GLY B 220 11.26 -11.75 -25.56
N CYS B 221 10.24 -10.90 -25.47
CA CYS B 221 9.24 -10.95 -24.41
C CYS B 221 8.16 -9.96 -24.80
N LEU B 222 7.16 -9.82 -23.94
CA LEU B 222 5.97 -9.04 -24.22
C LEU B 222 5.89 -7.74 -23.39
N ALA B 223 5.19 -6.78 -23.97
CA ALA B 223 4.93 -5.49 -23.34
C ALA B 223 3.45 -5.14 -23.53
N LEU B 224 2.73 -5.16 -22.40
CA LEU B 224 1.36 -4.65 -22.30
C LEU B 224 1.45 -3.12 -22.17
N VAL B 225 0.66 -2.41 -22.94
CA VAL B 225 0.70 -0.96 -22.88
C VAL B 225 -0.49 -0.54 -22.10
N ASP B 226 -0.23 -0.27 -20.80
CA ASP B 226 -1.27 -0.24 -19.82
C ASP B 226 -1.55 1.14 -19.24
N THR B 227 -2.54 1.84 -19.78
CA THR B 227 -2.76 3.20 -19.37
C THR B 227 -3.27 3.23 -17.93
N GLY B 228 -3.62 2.06 -17.40
CA GLY B 228 -4.09 2.02 -16.05
C GLY B 228 -3.02 1.71 -15.02
N ALA B 229 -1.79 1.44 -15.48
CA ALA B 229 -0.62 1.15 -14.62
C ALA B 229 0.17 2.46 -14.35
N SER B 230 0.49 2.69 -13.06
CA SER B 230 1.20 3.90 -12.60
C SER B 230 2.64 3.81 -13.11
N TYR B 231 3.22 2.63 -13.01
CA TYR B 231 4.64 2.46 -13.22
C TYR B 231 4.88 1.57 -14.43
N ILE B 232 6.13 1.42 -14.80
CA ILE B 232 6.48 0.33 -15.67
C ILE B 232 6.62 -0.89 -14.74
N SER B 233 6.27 -2.09 -15.22
CA SER B 233 6.41 -3.30 -14.42
C SER B 233 7.00 -4.40 -15.26
N GLY B 234 7.72 -5.29 -14.58
CA GLY B 234 8.33 -6.45 -15.19
C GLY B 234 8.11 -7.55 -14.15
N SER B 235 8.48 -8.78 -14.49
CA SER B 235 8.26 -9.90 -13.61
C SER B 235 9.21 -9.74 -12.39
N THR B 236 8.87 -10.38 -11.27
CA THR B 236 9.67 -10.28 -10.07
C THR B 236 11.16 -10.50 -10.35
N SER B 237 11.48 -11.50 -11.16
CA SER B 237 12.88 -11.76 -11.40
C SER B 237 13.53 -10.79 -12.40
N SER B 238 12.79 -10.28 -13.38
CA SER B 238 13.37 -9.26 -14.28
C SER B 238 13.71 -8.02 -13.48
N ILE B 239 12.77 -7.59 -12.64
CA ILE B 239 12.89 -6.36 -11.88
C ILE B 239 13.99 -6.45 -10.85
N GLU B 240 14.10 -7.61 -10.20
CA GLU B 240 15.21 -7.85 -9.27
C GLU B 240 16.56 -7.73 -10.01
N LYS B 241 16.65 -8.28 -11.20
CA LYS B 241 17.86 -8.10 -11.96
C LYS B 241 18.12 -6.61 -12.38
N LEU B 242 17.06 -5.96 -12.88
CA LEU B 242 17.10 -4.55 -13.19
C LEU B 242 17.53 -3.70 -12.00
N MET B 243 16.89 -3.86 -10.83
CA MET B 243 17.20 -3.04 -9.67
C MET B 243 18.65 -3.25 -9.17
N GLU B 244 19.12 -4.48 -9.25
CA GLU B 244 20.50 -4.78 -8.93
C GLU B 244 21.44 -3.92 -9.82
N ALA B 245 21.15 -3.82 -11.13
CA ALA B 245 21.99 -3.08 -12.05
C ALA B 245 22.05 -1.57 -11.69
N LEU B 246 20.96 -1.11 -11.10
CA LEU B 246 20.67 0.29 -10.80
C LEU B 246 21.13 0.59 -9.41
N GLY B 247 21.59 -0.45 -8.74
CA GLY B 247 21.96 -0.38 -7.33
C GLY B 247 20.85 0.06 -6.39
N ALA B 248 19.58 -0.13 -6.77
CA ALA B 248 18.44 0.33 -5.97
C ALA B 248 18.09 -0.67 -4.89
N LYS B 249 17.34 -0.22 -3.89
CA LYS B 249 17.11 -1.02 -2.68
C LYS B 249 15.63 -1.12 -2.53
N LYS B 250 15.17 -2.28 -2.08
CA LYS B 250 13.73 -2.54 -1.97
C LYS B 250 13.25 -2.14 -0.60
N ARG B 251 12.14 -1.43 -0.55
CA ARG B 251 11.37 -1.16 0.65
C ARG B 251 9.94 -1.72 0.58
N LEU B 252 9.14 -1.42 1.56
CA LEU B 252 7.83 -1.99 1.59
C LEU B 252 7.02 -1.71 0.37
N PHE B 253 6.77 -0.46 0.05
CA PHE B 253 5.95 -0.13 -1.09
C PHE B 253 6.77 0.13 -2.32
N ASP B 254 8.01 0.35 -2.36
CA ASP B 254 8.77 0.76 -3.54
C ASP B 254 10.24 0.34 -3.54
N TYR B 255 10.90 0.60 -4.66
CA TYR B 255 12.34 0.58 -4.78
C TYR B 255 12.87 2.04 -4.71
N VAL B 256 14.05 2.22 -4.16
CA VAL B 256 14.62 3.58 -3.92
C VAL B 256 16.13 3.58 -4.23
N VAL B 257 16.66 4.77 -4.50
CA VAL B 257 18.09 5.04 -4.53
C VAL B 257 18.30 6.28 -3.63
N LYS B 258 19.56 6.57 -3.29
CA LYS B 258 19.87 7.78 -2.56
C LYS B 258 19.57 8.89 -3.55
N CYS B 259 18.84 9.89 -3.10
CA CYS B 259 18.39 10.96 -4.01
C CYS B 259 19.51 11.63 -4.84
N ASN B 260 20.68 11.83 -4.25
CA ASN B 260 21.76 12.55 -4.91
C ASN B 260 22.36 11.69 -5.97
N GLU B 261 22.07 10.40 -5.88
CA GLU B 261 22.63 9.43 -6.80
C GLU B 261 21.71 9.23 -8.00
N GLY B 262 20.46 9.68 -7.88
CA GLY B 262 19.47 9.54 -8.94
C GLY B 262 19.94 10.03 -10.30
N PRO B 263 20.37 11.30 -10.38
CA PRO B 263 20.74 11.91 -11.65
C PRO B 263 21.86 11.25 -12.40
N THR B 264 22.74 10.49 -11.76
CA THR B 264 23.74 9.77 -12.57
C THR B 264 23.49 8.26 -12.74
N LEU B 265 22.26 7.78 -12.49
CA LEU B 265 21.91 6.44 -12.90
C LEU B 265 21.93 6.30 -14.45
N PRO B 266 22.19 5.10 -14.95
CA PRO B 266 22.14 4.89 -16.40
C PRO B 266 20.70 5.02 -16.98
N ASP B 267 20.64 5.31 -18.29
CA ASP B 267 19.43 5.16 -19.10
C ASP B 267 18.93 3.70 -19.03
N ILE B 268 17.61 3.54 -19.16
CA ILE B 268 16.97 2.22 -19.38
C ILE B 268 16.30 2.31 -20.73
N SER B 269 16.55 1.31 -21.57
CA SER B 269 15.98 1.30 -22.94
C SER B 269 15.11 0.11 -23.24
N PHE B 270 13.96 0.34 -23.89
CA PHE B 270 13.08 -0.74 -24.34
C PHE B 270 13.10 -0.84 -25.83
N HIS B 271 13.36 -2.05 -26.30
CA HIS B 271 13.47 -2.23 -27.73
C HIS B 271 12.12 -2.66 -28.32
N LEU B 272 11.46 -1.73 -29.00
CA LEU B 272 10.09 -1.94 -29.48
C LEU B 272 10.00 -1.62 -30.98
N GLY B 273 9.52 -2.59 -31.77
CA GLY B 273 9.31 -2.39 -33.21
C GLY B 273 10.55 -1.90 -33.91
N GLY B 274 11.69 -2.51 -33.54
CA GLY B 274 13.00 -2.16 -34.09
C GLY B 274 13.68 -0.87 -33.63
N LYS B 275 13.11 -0.15 -32.64
CA LYS B 275 13.73 1.11 -32.15
C LYS B 275 13.92 1.09 -30.63
N GLU B 276 14.84 1.91 -30.12
CA GLU B 276 15.12 2.00 -28.70
C GLU B 276 14.29 3.17 -28.15
N TYR B 277 13.42 2.84 -27.18
CA TYR B 277 12.69 3.80 -26.40
C TYR B 277 13.43 4.00 -25.05
N THR B 278 14.11 5.12 -24.95
CA THR B 278 15.05 5.32 -23.87
C THR B 278 14.43 6.22 -22.82
N LEU B 279 14.38 5.77 -21.56
CA LEU B 279 14.11 6.64 -20.38
C LEU B 279 15.40 6.97 -19.62
N THR B 280 15.57 8.23 -19.22
CA THR B 280 16.80 8.62 -18.50
C THR B 280 16.40 8.55 -17.04
N SER B 281 17.38 8.66 -16.16
CA SER B 281 17.08 8.57 -14.71
C SER B 281 16.05 9.63 -14.34
N ALA B 282 16.06 10.76 -15.02
CA ALA B 282 15.12 11.84 -14.73
C ALA B 282 13.71 11.45 -15.08
N ASP B 283 13.55 10.45 -15.96
CA ASP B 283 12.26 9.96 -16.36
C ASP B 283 11.71 8.91 -15.38
N TYR B 284 12.59 8.27 -14.63
CA TYR B 284 12.08 7.12 -13.85
C TYR B 284 12.40 7.22 -12.34
N VAL B 285 13.11 8.27 -11.91
CA VAL B 285 13.24 8.57 -10.48
C VAL B 285 12.29 9.67 -10.01
N PHE B 286 11.57 9.51 -8.90
CA PHE B 286 10.83 10.65 -8.40
C PHE B 286 11.82 11.47 -7.59
N GLN B 287 12.32 12.55 -8.18
CA GLN B 287 13.36 13.35 -7.50
C GLN B 287 12.69 14.39 -6.61
N GLU B 288 12.14 13.99 -5.47
CA GLU B 288 11.47 15.01 -4.63
C GLU B 288 12.57 15.78 -3.84
N SER B 289 13.80 15.31 -3.94
CA SER B 289 14.94 15.92 -3.33
C SER B 289 16.16 15.52 -4.15
N TYR B 290 17.30 16.17 -3.92
CA TYR B 290 18.61 15.70 -4.43
C TYR B 290 19.57 15.41 -3.26
N SER B 291 19.06 15.55 -2.05
CA SER B 291 19.84 15.32 -0.85
C SER B 291 20.30 13.87 -0.71
N SER B 292 21.57 13.69 -0.35
CA SER B 292 22.15 12.37 -0.10
C SER B 292 21.67 11.78 1.21
N LYS B 293 20.89 12.56 1.95
CA LYS B 293 20.37 12.09 3.23
C LYS B 293 19.01 11.43 3.04
N LYS B 294 18.49 11.51 1.83
CA LYS B 294 17.14 11.12 1.52
C LYS B 294 17.10 10.03 0.44
N LEU B 295 15.97 9.35 0.40
CA LEU B 295 15.77 8.26 -0.54
C LEU B 295 14.60 8.55 -1.48
N CYS B 296 14.85 8.28 -2.75
CA CYS B 296 13.97 8.64 -3.82
C CYS B 296 13.44 7.39 -4.58
N THR B 297 12.13 7.40 -4.82
CA THR B 297 11.42 6.28 -5.40
C THR B 297 11.68 6.11 -6.90
N LEU B 298 11.88 4.88 -7.35
CA LEU B 298 11.74 4.63 -8.84
C LEU B 298 10.30 4.37 -9.28
N ALA B 299 9.92 4.85 -10.45
CA ALA B 299 8.57 4.61 -10.97
C ALA B 299 8.52 3.30 -11.76
N ILE B 300 9.03 2.25 -11.13
CA ILE B 300 9.17 0.94 -11.74
C ILE B 300 8.96 -0.03 -10.63
N HIS B 301 8.20 -1.11 -10.84
CA HIS B 301 8.10 -2.14 -9.79
C HIS B 301 7.86 -3.51 -10.38
N ALA B 302 7.78 -4.53 -9.52
CA ALA B 302 7.50 -5.92 -9.89
C ALA B 302 5.99 -6.18 -9.93
N MET B 303 5.54 -6.83 -11.00
CA MET B 303 4.12 -7.16 -11.20
C MET B 303 4.13 -8.50 -11.93
N ASP B 304 3.74 -9.55 -11.22
CA ASP B 304 3.65 -10.86 -11.90
C ASP B 304 2.26 -11.08 -12.55
N ILE B 305 2.15 -10.69 -13.82
CA ILE B 305 0.82 -10.75 -14.47
C ILE B 305 0.52 -12.18 -14.98
N PRO B 306 -0.62 -12.76 -14.54
CA PRO B 306 -0.86 -14.16 -14.89
C PRO B 306 -1.26 -14.36 -16.37
N PRO B 307 -0.94 -15.55 -16.94
CA PRO B 307 -1.55 -15.97 -18.21
C PRO B 307 -3.11 -15.82 -18.21
N PRO B 308 -3.69 -15.66 -19.40
CA PRO B 308 -3.02 -15.64 -20.71
C PRO B 308 -2.20 -14.38 -21.08
N THR B 309 -2.52 -13.21 -20.49
CA THR B 309 -1.85 -11.92 -20.80
C THR B 309 -0.39 -11.94 -20.44
N GLY B 310 -0.08 -12.35 -19.21
CA GLY B 310 1.28 -12.53 -18.71
C GLY B 310 1.85 -13.92 -18.97
N PRO B 311 3.10 -14.16 -18.53
CA PRO B 311 4.03 -13.15 -17.95
C PRO B 311 4.29 -12.05 -18.97
N THR B 312 4.35 -10.80 -18.51
CA THR B 312 4.57 -9.67 -19.42
C THR B 312 5.09 -8.46 -18.63
N TRP B 313 5.90 -7.64 -19.30
CA TRP B 313 6.16 -6.28 -18.86
C TRP B 313 4.90 -5.47 -19.09
N ALA B 314 4.67 -4.43 -18.29
CA ALA B 314 3.61 -3.48 -18.56
C ALA B 314 4.23 -2.13 -18.66
N LEU B 315 3.86 -1.38 -19.69
CA LEU B 315 4.36 -0.02 -19.81
C LEU B 315 3.23 0.91 -19.40
N GLY B 316 3.32 1.44 -18.17
CA GLY B 316 2.37 2.40 -17.64
C GLY B 316 2.75 3.88 -17.81
N ALA B 317 2.25 4.71 -16.88
CA ALA B 317 2.45 6.18 -16.97
C ALA B 317 3.91 6.59 -17.04
N THR B 318 4.78 5.89 -16.31
CA THR B 318 6.20 6.20 -16.38
C THR B 318 6.59 6.22 -17.89
N PHE B 319 6.07 5.28 -18.67
CA PHE B 319 6.46 5.21 -20.08
C PHE B 319 5.64 6.19 -20.93
N ILE B 320 4.33 6.27 -20.70
CA ILE B 320 3.41 7.10 -21.50
C ILE B 320 3.72 8.59 -21.33
N ARG B 321 4.10 8.99 -20.11
CA ARG B 321 4.61 10.36 -19.90
C ARG B 321 5.68 10.81 -20.89
N LYS B 322 6.60 9.92 -21.24
CA LYS B 322 7.57 10.33 -22.28
C LYS B 322 7.07 10.11 -23.73
N PHE B 323 6.28 9.06 -23.94
CA PHE B 323 5.81 8.73 -25.30
C PHE B 323 4.28 8.75 -25.37
N TYR B 324 3.75 9.83 -25.94
CA TYR B 324 2.35 9.94 -26.33
C TYR B 324 1.98 8.67 -27.10
N THR B 325 0.85 8.08 -26.75
CA THR B 325 0.48 6.78 -27.19
C THR B 325 -0.89 6.77 -27.90
N GLU B 326 -0.92 6.26 -29.13
CA GLU B 326 -2.17 6.08 -29.91
C GLU B 326 -2.51 4.60 -29.99
N PHE B 327 -3.72 4.27 -29.54
CA PHE B 327 -4.30 2.92 -29.64
C PHE B 327 -5.27 2.88 -30.89
N ASP B 328 -4.89 2.06 -31.87
CA ASP B 328 -5.49 2.03 -33.21
C ASP B 328 -6.24 0.70 -33.42
N ARG B 329 -7.56 0.71 -33.38
CA ARG B 329 -8.33 -0.53 -33.58
C ARG B 329 -8.49 -0.87 -35.05
N ARG B 330 -8.56 0.17 -35.91
CA ARG B 330 -8.73 -0.08 -37.33
C ARG B 330 -7.56 -0.94 -37.84
N ASN B 331 -6.33 -0.51 -37.54
CA ASN B 331 -5.16 -1.28 -37.98
C ASN B 331 -4.56 -2.26 -36.97
N ASN B 332 -5.19 -2.41 -35.80
CA ASN B 332 -4.64 -3.24 -34.68
C ASN B 332 -3.17 -3.01 -34.43
N ARG B 333 -2.88 -1.77 -34.02
CA ARG B 333 -1.51 -1.32 -33.78
C ARG B 333 -1.43 -0.23 -32.68
N ILE B 334 -0.21 0.02 -32.25
CA ILE B 334 0.04 1.02 -31.24
C ILE B 334 1.09 1.91 -31.87
N GLY B 335 0.84 3.22 -31.88
CA GLY B 335 1.92 4.15 -32.21
C GLY B 335 2.36 4.91 -30.97
N PHE B 336 3.63 5.24 -30.97
CA PHE B 336 4.22 6.07 -29.94
C PHE B 336 4.87 7.24 -30.65
N ALA B 337 4.68 8.43 -30.11
CA ALA B 337 5.42 9.62 -30.51
C ALA B 337 5.98 10.29 -29.26
N LEU B 338 7.09 11.00 -29.41
CA LEU B 338 7.67 11.75 -28.33
C LEU B 338 6.70 12.83 -27.82
N ALA B 339 6.32 12.74 -26.55
CA ALA B 339 5.38 13.68 -25.92
C ALA B 339 6.01 15.08 -25.75
N ARG B 340 5.25 16.16 -25.94
CA ARG B 340 5.80 17.52 -25.80
C ARG B 340 5.40 17.94 -24.41
C1 NAG C . 11.80 23.51 22.30
C2 NAG C . 12.38 24.53 23.28
C3 NAG C . 13.81 24.97 23.06
C4 NAG C . 14.77 23.82 22.78
C5 NAG C . 14.24 22.90 21.67
C6 NAG C . 14.76 21.48 21.90
C7 NAG C . 11.07 26.53 23.62
C8 NAG C . 10.33 27.69 22.99
N2 NAG C . 11.66 25.68 22.77
O3 NAG C . 14.14 25.69 24.22
O4 NAG C . 16.06 24.31 22.44
O5 NAG C . 12.82 22.41 21.93
O6 NAG C . 15.14 21.37 23.26
O7 NAG C . 11.08 26.41 24.83
CL CL D . 18.45 -17.32 5.50
C1 RX5 E . 8.43 0.25 13.77
N1 RX5 E . 7.13 -0.28 14.23
O1 RX5 E . 6.21 -1.99 9.62
C2 RX5 E . 6.07 -0.30 13.19
N2 RX5 E . 5.07 -1.68 11.44
O2 RX5 E . 0.57 -0.87 11.30
C3 RX5 E . 6.34 -1.29 12.07
N3 RX5 E . 4.01 -2.40 9.50
O3 RX5 E . -1.04 -2.83 15.22
C4 RX5 E . 5.11 -2.04 10.17
N4 RX5 E . 0.67 -1.87 13.95
O4 RX5 E . 1.01 -3.89 15.13
C5 RX5 E . 2.64 -2.49 10.08
C6 RX5 E . 1.81 -1.39 9.37
C7 RX5 E . 1.80 -1.65 7.84
C8 RX5 E . 3.21 -1.83 7.24
C9 RX5 E . 4.10 -2.79 8.07
C10 RX5 E . 0.39 -1.29 9.95
C11 RX5 E . 5.87 1.12 12.68
C12 RX5 E . 4.45 1.42 12.19
C13 RX5 E . 4.55 2.56 11.18
O14 RX5 E . 3.23 2.90 10.69
C15 RX5 E . 2.47 3.50 11.74
C16 RX5 E . 2.28 2.50 12.87
C17 RX5 E . 3.59 1.92 13.34
C18 RX5 E . -0.62 -1.09 12.07
C19 RX5 E . -0.23 -0.78 13.51
C20 RX5 E . 0.14 -2.81 14.77
C21 RX5 E . -0.47 -0.25 9.29
C22 RX5 E . -0.17 1.10 9.39
C23 RX5 E . -0.99 2.04 8.77
C24 RX5 E . -2.12 1.70 8.06
C25 RX5 E . -2.40 0.33 7.97
C26 RX5 E . -1.59 -0.63 8.56
C27 RX5 E . 0.45 -5.07 15.74
CL2 RX5 E . -0.55 3.76 8.90
CL CL F . -3.56 -15.49 12.60
CL CL G . 11.86 7.16 13.03
CL CL H . 4.36 25.94 14.83
CL CL I . 9.81 3.96 -39.45
C1 RX5 J . -4.93 -3.57 -15.56
N1 RX5 J . -4.76 -2.07 -15.61
O1 RX5 J . -1.53 -2.65 -11.69
C2 RX5 J . -4.67 -1.46 -14.24
N2 RX5 J . -2.86 -1.03 -12.49
O2 RX5 J . -3.82 2.73 -10.26
C3 RX5 J . -3.40 -1.92 -13.53
N3 RX5 J . -1.45 -0.59 -10.67
O3 RX5 J . -3.81 6.23 -13.29
C4 RX5 J . -1.93 -1.47 -11.61
N4 RX5 J . -3.94 4.05 -12.69
O4 RX5 J . -2.40 4.75 -14.31
C5 RX5 J . -1.92 0.81 -10.58
C6 RX5 J . -2.67 0.93 -9.24
C7 RX5 J . -1.81 0.49 -8.05
C8 RX5 J . -1.19 -0.90 -8.32
C9 RX5 J . -0.41 -0.92 -9.65
C10 RX5 J . -3.08 2.38 -9.08
C11 RX5 J . -5.87 -1.81 -13.37
C12 RX5 J . -6.06 -0.90 -12.16
C13 RX5 J . -6.79 -1.69 -11.10
O14 RX5 J . -6.83 -0.92 -9.89
C15 RX5 J . -7.81 0.11 -10.03
C16 RX5 J . -7.45 1.02 -11.20
C17 RX5 J . -6.96 0.30 -12.46
C18 RX5 J . -4.30 4.08 -10.35
C19 RX5 J . -4.94 4.32 -11.70
C20 RX5 J . -3.45 5.07 -13.38
C21 RX5 J . -3.90 2.52 -7.83
C22 RX5 J . -5.13 1.85 -7.69
C23 RX5 J . -5.87 1.99 -6.51
C24 RX5 J . -5.39 2.78 -5.44
C25 RX5 J . -4.17 3.43 -5.59
C26 RX5 J . -3.43 3.29 -6.77
C27 RX5 J . -1.84 5.74 -15.18
CL2 RX5 J . -7.50 1.17 -6.36
CL CL K . -10.59 -8.27 -14.86
#